data_6LGD
#
_entry.id   6LGD
#
_cell.length_a   65.054
_cell.length_b   146.444
_cell.length_c   153.291
_cell.angle_alpha   90.000
_cell.angle_beta   90.000
_cell.angle_gamma   90.000
#
_symmetry.space_group_name_H-M   'P 21 21 21'
#
loop_
_entity.id
_entity.type
_entity.pdbx_description
1 polymer 'Sucrose hydrolase'
2 non-polymer 'MAGNESIUM ION'
3 non-polymer 'CALCIUM ION'
4 non-polymer 1,4-DIDEOXY-1,4-IMINO-D-ARABINITOL
5 non-polymer GLYCEROL
6 non-polymer 'TRIETHYLENE GLYCOL'
7 water water
#
_entity_poly.entity_id   1
_entity_poly.type   'polypeptide(L)'
_entity_poly.pdbx_seq_one_letter_code
;MGSSHHHHHHSSGLVPRGSHMSNQNAPTPPPTEVIQLDWWKNCVLYQIYPRSFKDSDGDGIGDLKGIISELKHFVDAGVD
AIWMSPIFESPMVDFGYDISNFYDIHYEYGTMEDFEELLDKAHELGLKVLLDFVPNHASNESEYFIKSEAREPGYENFFI
WADPLPNPENPGVRLPPSNWVSQFGGSAWEWSEKRQQYYLHQFAIQQVDFDFRNPAVKQEMFNIMKFWLDKGADGFRLDA
LPYLIEADPADHEGRYPDDPLSGLTQFESHQLGYTIPLYTKDLIELYDVVYEWREFLDEYNKNHGGDTRVVFSEGYANVS
MTMLYYGNEDGAIGAHFPFNFDFITDLSSKSNARDFVYIILRWLTYMPYGGIPNWVFGNHDNNRMPTRFRHDMVDGLNII
NMLLPGVAVTYQGEEIGMRDGYVSWEDTVDIEACNRGDPDTYHLYSRDPARTPYHWDNSTSAGFSTSTNTWLPVAEDYQE
INLAKQKETARSHFKNYQALTKLRKQATLSHGEYDIRALSDRTFYLVRSLPTHDTYVLLFNVSERRDTVDLGRVPHLTLP
ATVYVSSIHSARLAGHEITSSQLSLEAGEALVLKAQPI
;
_entity_poly.pdbx_strand_id   A,B
#
# COMPACT_ATOMS: atom_id res chain seq x y z
N PRO A 29 21.58 15.22 33.01
CA PRO A 29 20.71 16.32 32.54
C PRO A 29 19.29 16.24 33.12
N PRO A 30 18.73 17.32 33.71
CA PRO A 30 17.38 17.28 34.26
C PRO A 30 16.35 17.03 33.16
N PRO A 31 15.32 16.19 33.39
CA PRO A 31 14.34 15.88 32.35
C PRO A 31 13.60 17.16 31.94
N THR A 32 13.58 17.47 30.64
CA THR A 32 12.92 18.68 30.08
C THR A 32 11.43 18.66 30.44
N GLU A 33 10.86 19.84 30.69
CA GLU A 33 9.40 20.04 30.85
C GLU A 33 8.78 19.97 29.45
N VAL A 34 7.59 19.38 29.32
CA VAL A 34 6.80 19.36 28.06
C VAL A 34 5.54 20.19 28.27
N ILE A 35 5.04 20.83 27.22
CA ILE A 35 3.77 21.62 27.25
C ILE A 35 2.62 20.61 27.21
N GLN A 36 1.79 20.57 28.25
CA GLN A 36 0.71 19.55 28.36
C GLN A 36 -0.28 19.75 27.20
N LEU A 37 -0.80 18.66 26.67
CA LEU A 37 -1.67 18.66 25.46
C LEU A 37 -3.13 18.79 25.89
N ASP A 38 -3.96 19.38 25.04
CA ASP A 38 -5.43 19.32 25.21
C ASP A 38 -5.81 17.83 25.37
N TRP A 39 -6.82 17.54 26.17
CA TRP A 39 -7.17 16.18 26.64
C TRP A 39 -7.36 15.23 25.45
N TRP A 40 -7.93 15.72 24.35
CA TRP A 40 -8.39 14.87 23.21
C TRP A 40 -7.20 14.44 22.35
N LYS A 41 -6.01 15.03 22.52
CA LYS A 41 -4.86 14.77 21.61
C LYS A 41 -4.12 13.49 22.00
N ASN A 42 -4.31 12.99 23.22
CA ASN A 42 -3.65 11.74 23.67
C ASN A 42 -4.55 10.98 24.67
N CYS A 43 -5.87 11.13 24.60
CA CYS A 43 -6.80 10.39 25.48
C CYS A 43 -6.76 8.91 25.13
N VAL A 44 -7.12 8.08 26.09
CA VAL A 44 -7.55 6.67 25.86
C VAL A 44 -9.06 6.75 25.74
N LEU A 45 -9.59 6.42 24.56
CA LEU A 45 -11.04 6.52 24.23
C LEU A 45 -11.59 5.10 24.24
N TYR A 46 -12.63 4.84 25.03
CA TYR A 46 -13.28 3.51 25.17
C TYR A 46 -14.67 3.57 24.56
N GLN A 47 -14.96 2.68 23.62
CA GLN A 47 -16.32 2.56 23.03
C GLN A 47 -17.15 1.62 23.90
N ILE A 48 -18.23 2.16 24.48
CA ILE A 48 -19.27 1.35 25.16
C ILE A 48 -20.33 0.96 24.13
N TYR A 49 -20.72 -0.31 24.11
CA TYR A 49 -21.95 -0.78 23.42
C TYR A 49 -23.01 -1.00 24.49
N PRO A 50 -23.84 0.02 24.78
CA PRO A 50 -24.65 0.02 26.00
C PRO A 50 -25.54 -1.22 26.18
N ARG A 51 -26.07 -1.79 25.09
CA ARG A 51 -26.97 -2.97 25.15
C ARG A 51 -26.24 -4.18 25.78
N SER A 52 -24.90 -4.22 25.75
CA SER A 52 -24.10 -5.40 26.13
C SER A 52 -23.09 -5.12 27.25
N PHE A 53 -23.09 -3.92 27.84
CA PHE A 53 -22.10 -3.53 28.87
C PHE A 53 -22.58 -4.04 30.24
N LYS A 54 -23.66 -3.50 30.78
CA LYS A 54 -24.15 -3.90 32.13
C LYS A 54 -25.66 -3.76 32.23
N ASP A 55 -26.34 -4.86 32.51
CA ASP A 55 -27.81 -4.90 32.77
C ASP A 55 -28.04 -4.72 34.28
N SER A 56 -28.69 -3.64 34.68
CA SER A 56 -28.97 -3.31 36.11
C SER A 56 -30.31 -3.89 36.57
N ASP A 57 -31.21 -4.30 35.66
CA ASP A 57 -32.64 -4.54 36.03
C ASP A 57 -33.14 -5.90 35.55
N GLY A 58 -32.26 -6.82 35.16
CA GLY A 58 -32.59 -8.25 34.98
C GLY A 58 -33.45 -8.55 33.75
N ASP A 59 -33.52 -7.63 32.78
CA ASP A 59 -34.26 -7.85 31.51
C ASP A 59 -33.34 -8.40 30.42
N GLY A 60 -32.06 -8.69 30.75
CA GLY A 60 -31.08 -9.25 29.79
C GLY A 60 -30.58 -8.20 28.80
N ILE A 61 -30.88 -6.93 29.05
CA ILE A 61 -30.57 -5.78 28.15
C ILE A 61 -29.73 -4.78 28.94
N GLY A 62 -28.54 -4.43 28.43
CA GLY A 62 -27.68 -3.44 29.10
C GLY A 62 -28.36 -2.08 29.13
N ASP A 63 -28.08 -1.26 30.14
CA ASP A 63 -28.84 0.00 30.37
C ASP A 63 -27.94 1.06 31.02
N LEU A 64 -28.43 2.29 31.13
CA LEU A 64 -27.65 3.47 31.60
C LEU A 64 -27.32 3.33 33.10
N LYS A 65 -28.23 2.78 33.89
CA LYS A 65 -27.96 2.49 35.33
C LYS A 65 -26.81 1.48 35.44
N GLY A 66 -26.79 0.48 34.56
CA GLY A 66 -25.66 -0.45 34.42
C GLY A 66 -24.35 0.29 34.21
N ILE A 67 -24.29 1.20 33.22
CA ILE A 67 -23.06 1.99 32.93
C ILE A 67 -22.67 2.79 34.19
N ILE A 68 -23.62 3.49 34.80
CA ILE A 68 -23.36 4.34 36.00
C ILE A 68 -22.67 3.48 37.07
N SER A 69 -23.19 2.27 37.30
CA SER A 69 -22.71 1.33 38.35
C SER A 69 -21.26 0.91 38.09
N GLU A 70 -20.76 1.03 36.86
CA GLU A 70 -19.37 0.58 36.54
C GLU A 70 -18.55 1.72 35.91
N LEU A 71 -18.90 2.99 36.14
CA LEU A 71 -18.06 4.11 35.65
C LEU A 71 -16.67 4.04 36.30
N LYS A 72 -16.59 3.51 37.53
CA LYS A 72 -15.31 3.27 38.24
C LYS A 72 -14.38 2.38 37.41
N HIS A 73 -14.92 1.48 36.57
CA HIS A 73 -14.12 0.58 35.70
C HIS A 73 -13.17 1.41 34.82
N PHE A 74 -13.64 2.55 34.31
CA PHE A 74 -12.89 3.39 33.35
C PHE A 74 -11.72 4.08 34.07
N VAL A 75 -11.94 4.53 35.31
CA VAL A 75 -10.85 5.08 36.17
C VAL A 75 -9.83 3.96 36.45
N ASP A 76 -10.30 2.78 36.86
CA ASP A 76 -9.46 1.60 37.18
C ASP A 76 -8.62 1.20 35.97
N ALA A 77 -9.19 1.27 34.76
CA ALA A 77 -8.54 0.84 33.50
C ALA A 77 -7.54 1.88 32.98
N GLY A 78 -7.67 3.14 33.38
CA GLY A 78 -6.89 4.27 32.85
C GLY A 78 -7.51 4.82 31.57
N VAL A 79 -8.83 4.73 31.42
CA VAL A 79 -9.60 5.31 30.29
C VAL A 79 -9.90 6.79 30.59
N ASP A 80 -9.69 7.68 29.62
CA ASP A 80 -9.89 9.14 29.79
C ASP A 80 -11.28 9.55 29.31
N ALA A 81 -11.80 8.85 28.31
CA ALA A 81 -13.04 9.26 27.61
C ALA A 81 -13.80 8.01 27.16
N ILE A 82 -15.11 8.06 27.31
CA ILE A 82 -16.03 7.01 26.83
C ILE A 82 -16.91 7.60 25.72
N TRP A 83 -17.11 6.83 24.65
CA TRP A 83 -18.16 7.12 23.63
C TRP A 83 -19.16 5.97 23.72
N MET A 84 -20.45 6.29 23.76
CA MET A 84 -21.52 5.27 23.79
C MET A 84 -22.10 5.13 22.38
N SER A 85 -22.30 3.91 21.92
CA SER A 85 -23.16 3.62 20.75
C SER A 85 -24.55 4.19 21.05
N PRO A 86 -25.45 4.31 20.06
CA PRO A 86 -26.66 5.12 20.23
C PRO A 86 -27.57 4.68 21.38
N ILE A 87 -28.07 5.66 22.13
CA ILE A 87 -28.96 5.44 23.29
C ILE A 87 -30.24 6.26 23.13
N PHE A 88 -30.52 6.81 21.93
CA PHE A 88 -31.72 7.63 21.66
C PHE A 88 -32.91 6.74 21.28
N GLU A 89 -34.13 7.28 21.38
CA GLU A 89 -35.40 6.54 21.09
C GLU A 89 -35.28 5.90 19.70
N SER A 90 -35.54 4.60 19.62
CA SER A 90 -35.24 3.76 18.44
C SER A 90 -36.11 2.52 18.46
N PRO A 91 -36.73 2.13 17.32
CA PRO A 91 -37.39 0.83 17.19
C PRO A 91 -36.40 -0.35 17.23
N MET A 92 -35.09 -0.10 17.23
CA MET A 92 -34.02 -1.12 17.46
C MET A 92 -33.89 -2.06 16.26
N VAL A 93 -34.35 -1.64 15.07
CA VAL A 93 -34.16 -2.43 13.82
C VAL A 93 -32.66 -2.64 13.58
N ASP A 94 -31.87 -1.58 13.76
CA ASP A 94 -30.39 -1.58 13.69
C ASP A 94 -29.80 -1.24 15.08
N PHE A 95 -30.45 -1.75 16.13
CA PHE A 95 -30.04 -1.61 17.55
C PHE A 95 -29.50 -0.20 17.83
N GLY A 96 -30.32 0.81 17.50
CA GLY A 96 -30.12 2.20 17.93
C GLY A 96 -29.69 3.12 16.80
N TYR A 97 -29.21 2.59 15.67
CA TYR A 97 -28.75 3.42 14.51
C TYR A 97 -29.96 3.82 13.65
N ASP A 98 -31.16 3.34 14.03
CA ASP A 98 -32.49 3.74 13.49
C ASP A 98 -33.21 4.57 14.57
N ILE A 99 -33.08 5.88 14.50
CA ILE A 99 -33.50 6.80 15.61
C ILE A 99 -34.84 7.44 15.24
N SER A 100 -35.85 7.24 16.09
CA SER A 100 -37.21 7.79 15.94
C SER A 100 -37.34 9.13 16.67
N ASN A 101 -36.48 9.43 17.65
CA ASN A 101 -36.47 10.75 18.35
C ASN A 101 -35.05 11.06 18.82
N PHE A 102 -34.41 12.07 18.22
CA PHE A 102 -32.99 12.40 18.48
C PHE A 102 -32.85 13.17 19.80
N TYR A 103 -33.95 13.43 20.52
CA TYR A 103 -33.96 14.36 21.68
C TYR A 103 -34.34 13.63 22.97
N ASP A 104 -34.44 12.31 22.96
CA ASP A 104 -34.76 11.53 24.18
C ASP A 104 -34.09 10.15 24.15
N ILE A 105 -34.09 9.52 25.32
CA ILE A 105 -33.39 8.23 25.62
C ILE A 105 -34.32 7.07 25.30
N HIS A 106 -33.78 6.03 24.67
CA HIS A 106 -34.45 4.73 24.45
C HIS A 106 -34.89 4.13 25.78
N TYR A 107 -36.19 3.82 25.91
CA TYR A 107 -36.80 3.39 27.19
C TYR A 107 -36.07 2.16 27.77
N GLU A 108 -35.61 1.21 26.94
CA GLU A 108 -34.94 -0.02 27.46
C GLU A 108 -33.63 0.36 28.18
N TYR A 109 -33.01 1.48 27.81
CA TYR A 109 -31.71 1.95 28.36
C TYR A 109 -31.96 2.81 29.61
N GLY A 110 -33.12 3.47 29.67
CA GLY A 110 -33.53 4.28 30.83
C GLY A 110 -34.19 5.57 30.39
N THR A 111 -33.98 6.64 31.18
CA THR A 111 -34.66 7.94 31.07
C THR A 111 -33.64 9.05 30.88
N MET A 112 -34.12 10.22 30.47
CA MET A 112 -33.31 11.46 30.41
C MET A 112 -32.62 11.65 31.77
N GLU A 113 -33.32 11.44 32.88
CA GLU A 113 -32.75 11.60 34.25
C GLU A 113 -31.56 10.64 34.42
N ASP A 114 -31.68 9.39 33.97
CA ASP A 114 -30.56 8.41 34.05
C ASP A 114 -29.37 8.97 33.26
N PHE A 115 -29.60 9.53 32.07
CA PHE A 115 -28.52 10.10 31.22
C PHE A 115 -27.85 11.27 31.95
N GLU A 116 -28.62 12.16 32.56
CA GLU A 116 -28.07 13.33 33.32
C GLU A 116 -27.22 12.82 34.50
N GLU A 117 -27.66 11.76 35.17
CA GLU A 117 -26.92 11.12 36.29
C GLU A 117 -25.60 10.56 35.76
N LEU A 118 -25.63 9.88 34.60
CA LEU A 118 -24.43 9.29 33.95
C LEU A 118 -23.39 10.39 33.71
N LEU A 119 -23.79 11.52 33.13
CA LEU A 119 -22.91 12.67 32.78
C LEU A 119 -22.30 13.26 34.06
N ASP A 120 -23.13 13.48 35.08
CA ASP A 120 -22.69 14.09 36.36
CA ASP A 120 -22.66 14.11 36.35
C ASP A 120 -21.62 13.21 37.01
N LYS A 121 -21.92 11.91 37.16
CA LYS A 121 -20.99 10.94 37.81
C LYS A 121 -19.74 10.74 36.96
N ALA A 122 -19.86 10.57 35.65
CA ALA A 122 -18.71 10.44 34.72
C ALA A 122 -17.80 11.65 34.92
N HIS A 123 -18.38 12.86 34.87
CA HIS A 123 -17.64 14.14 35.04
C HIS A 123 -16.99 14.23 36.42
N GLU A 124 -17.69 13.83 37.48
CA GLU A 124 -17.12 13.79 38.86
C GLU A 124 -15.83 12.96 38.88
N LEU A 125 -15.79 11.87 38.11
CA LEU A 125 -14.62 10.95 38.05
C LEU A 125 -13.59 11.46 37.03
N GLY A 126 -13.84 12.62 36.41
CA GLY A 126 -12.90 13.29 35.48
C GLY A 126 -12.97 12.71 34.06
N LEU A 127 -13.96 11.84 33.77
CA LEU A 127 -14.13 11.20 32.44
C LEU A 127 -14.83 12.19 31.50
N LYS A 128 -14.52 12.10 30.21
CA LYS A 128 -15.27 12.79 29.12
C LYS A 128 -16.25 11.78 28.53
N VAL A 129 -17.41 12.27 28.09
CA VAL A 129 -18.53 11.43 27.56
C VAL A 129 -18.95 11.96 26.18
N LEU A 130 -18.83 11.09 25.17
CA LEU A 130 -19.21 11.39 23.77
C LEU A 130 -20.43 10.53 23.42
N LEU A 131 -21.35 11.10 22.64
CA LEU A 131 -22.58 10.43 22.16
C LEU A 131 -22.39 10.09 20.68
N ASP A 132 -23.09 9.06 20.26
CA ASP A 132 -23.11 8.60 18.85
C ASP A 132 -24.17 9.44 18.13
N PHE A 133 -23.73 10.33 17.24
CA PHE A 133 -24.60 11.18 16.39
C PHE A 133 -24.76 10.47 15.04
N VAL A 134 -26.02 10.30 14.60
CA VAL A 134 -26.37 9.52 13.38
C VAL A 134 -27.04 10.46 12.39
N PRO A 135 -26.27 11.37 11.74
CA PRO A 135 -26.84 12.41 10.89
C PRO A 135 -27.35 11.90 9.53
N ASN A 136 -26.91 10.72 9.08
CA ASN A 136 -27.19 10.30 7.68
C ASN A 136 -28.68 9.94 7.50
N HIS A 137 -29.32 9.38 8.53
CA HIS A 137 -30.66 8.76 8.35
C HIS A 137 -31.46 8.82 9.65
N ALA A 138 -32.78 8.71 9.52
CA ALA A 138 -33.74 8.63 10.64
C ALA A 138 -34.58 7.36 10.48
N SER A 139 -35.09 6.85 11.60
CA SER A 139 -36.12 5.78 11.61
C SER A 139 -37.31 6.20 10.74
N ASN A 140 -37.92 5.24 10.04
CA ASN A 140 -39.20 5.49 9.33
C ASN A 140 -40.33 5.70 10.37
N GLU A 141 -40.04 5.54 11.67
CA GLU A 141 -41.02 5.83 12.74
C GLU A 141 -40.74 7.20 13.36
N SER A 142 -39.77 7.96 12.85
CA SER A 142 -39.52 9.35 13.29
C SER A 142 -40.68 10.25 12.84
N GLU A 143 -40.96 11.31 13.60
CA GLU A 143 -41.92 12.36 13.19
C GLU A 143 -41.44 12.97 11.88
N TYR A 144 -40.12 13.13 11.70
CA TYR A 144 -39.55 13.69 10.45
C TYR A 144 -40.14 12.92 9.25
N PHE A 145 -40.10 11.58 9.31
CA PHE A 145 -40.44 10.72 8.16
C PHE A 145 -41.96 10.68 7.97
N ILE A 146 -42.72 10.48 9.06
CA ILE A 146 -44.21 10.42 9.03
C ILE A 146 -44.72 11.72 8.40
N LYS A 147 -44.22 12.87 8.85
CA LYS A 147 -44.61 14.18 8.30
C LYS A 147 -44.11 14.32 6.84
N SER A 148 -42.90 13.85 6.53
CA SER A 148 -42.32 13.94 5.17
C SER A 148 -43.18 13.13 4.19
N GLU A 149 -43.54 11.89 4.57
CA GLU A 149 -44.34 10.96 3.72
C GLU A 149 -45.72 11.59 3.47
N ALA A 150 -46.26 12.31 4.46
CA ALA A 150 -47.57 13.01 4.41
C ALA A 150 -47.43 14.36 3.67
N ARG A 151 -46.22 14.73 3.25
CA ARG A 151 -45.94 15.99 2.52
C ARG A 151 -46.36 17.20 3.38
N GLU A 152 -46.20 17.15 4.70
CA GLU A 152 -46.49 18.34 5.53
C GLU A 152 -45.47 19.42 5.21
N PRO A 153 -45.89 20.70 5.17
CA PRO A 153 -45.01 21.81 4.81
C PRO A 153 -43.75 21.80 5.67
N GLY A 154 -42.59 22.02 5.03
CA GLY A 154 -41.28 22.05 5.69
C GLY A 154 -40.67 20.66 5.84
N TYR A 155 -41.44 19.58 5.65
CA TYR A 155 -40.94 18.18 5.79
C TYR A 155 -40.92 17.47 4.44
N GLU A 156 -41.55 18.07 3.42
CA GLU A 156 -41.78 17.37 2.14
C GLU A 156 -40.43 16.89 1.58
N ASN A 157 -39.40 17.73 1.68
CA ASN A 157 -38.07 17.50 1.05
C ASN A 157 -37.02 17.15 2.12
N PHE A 158 -37.42 16.64 3.28
CA PHE A 158 -36.50 16.32 4.41
C PHE A 158 -35.68 15.07 4.07
N PHE A 159 -36.22 14.19 3.23
CA PHE A 159 -35.55 12.94 2.79
C PHE A 159 -35.42 12.95 1.27
N ILE A 160 -34.63 12.02 0.74
CA ILE A 160 -34.44 11.84 -0.73
C ILE A 160 -35.65 11.06 -1.24
N TRP A 161 -36.58 11.79 -1.87
CA TRP A 161 -37.82 11.26 -2.52
C TRP A 161 -37.64 11.36 -4.03
N ALA A 162 -37.96 10.29 -4.76
CA ALA A 162 -37.74 10.25 -6.23
C ALA A 162 -38.90 9.54 -6.93
N ASP A 163 -39.28 10.05 -8.09
CA ASP A 163 -40.27 9.41 -8.97
C ASP A 163 -39.65 8.13 -9.53
N PRO A 164 -40.47 7.14 -9.94
CA PRO A 164 -39.97 5.99 -10.68
C PRO A 164 -39.20 6.47 -11.93
N LEU A 165 -38.24 5.68 -12.41
CA LEU A 165 -37.50 6.02 -13.65
C LEU A 165 -38.50 5.89 -14.80
N PRO A 166 -38.67 6.92 -15.66
CA PRO A 166 -39.49 6.76 -16.86
C PRO A 166 -39.10 5.51 -17.64
N ASN A 167 -40.10 4.78 -18.14
CA ASN A 167 -39.92 3.47 -18.84
C ASN A 167 -40.47 3.62 -20.26
N PRO A 168 -39.70 4.16 -21.22
CA PRO A 168 -40.20 4.34 -22.58
C PRO A 168 -40.51 2.99 -23.26
N GLU A 169 -39.84 1.90 -22.87
CA GLU A 169 -40.06 0.53 -23.43
C GLU A 169 -41.48 0.04 -23.11
N ASN A 170 -41.92 0.18 -21.85
CA ASN A 170 -43.26 -0.20 -21.37
C ASN A 170 -43.73 0.87 -20.40
N PRO A 171 -44.32 2.00 -20.89
CA PRO A 171 -44.70 3.12 -20.05
C PRO A 171 -45.54 2.70 -18.83
N GLY A 172 -45.14 3.17 -17.64
CA GLY A 172 -45.87 2.92 -16.39
C GLY A 172 -45.53 1.57 -15.75
N VAL A 173 -44.65 0.77 -16.36
CA VAL A 173 -43.99 -0.33 -15.59
C VAL A 173 -43.02 0.34 -14.61
N ARG A 174 -43.20 0.10 -13.32
CA ARG A 174 -42.51 0.87 -12.25
C ARG A 174 -41.05 0.43 -12.16
N LEU A 175 -40.13 1.35 -12.37
CA LEU A 175 -38.68 1.14 -12.25
C LEU A 175 -38.14 1.98 -11.10
N PRO A 176 -37.16 1.48 -10.33
CA PRO A 176 -36.52 2.29 -9.29
C PRO A 176 -35.76 3.43 -9.96
N PRO A 177 -35.54 4.56 -9.25
CA PRO A 177 -34.82 5.70 -9.84
C PRO A 177 -33.45 5.33 -10.40
N SER A 178 -32.77 4.35 -9.80
CA SER A 178 -31.42 3.89 -10.20
C SER A 178 -31.13 2.52 -9.62
N ASN A 179 -29.97 1.96 -9.97
CA ASN A 179 -29.53 0.59 -9.61
C ASN A 179 -28.90 0.54 -8.21
N TRP A 180 -28.99 1.62 -7.43
CA TRP A 180 -28.21 1.78 -6.18
C TRP A 180 -28.53 0.64 -5.21
N VAL A 181 -27.49 0.10 -4.56
CA VAL A 181 -27.61 -1.06 -3.65
C VAL A 181 -27.39 -0.60 -2.20
N SER A 182 -28.26 -1.05 -1.30
CA SER A 182 -28.20 -0.82 0.16
C SER A 182 -27.01 -1.57 0.76
N GLN A 183 -26.36 -0.97 1.76
CA GLN A 183 -25.28 -1.60 2.56
C GLN A 183 -25.77 -2.90 3.24
N PHE A 184 -27.08 -3.06 3.43
CA PHE A 184 -27.68 -4.27 4.05
C PHE A 184 -28.36 -5.15 2.99
N GLY A 185 -28.00 -4.97 1.72
CA GLY A 185 -28.51 -5.79 0.60
C GLY A 185 -29.85 -5.28 0.08
N GLY A 186 -30.19 -5.65 -1.17
CA GLY A 186 -31.39 -5.17 -1.85
C GLY A 186 -31.21 -3.76 -2.38
N SER A 187 -32.22 -3.26 -3.09
CA SER A 187 -32.24 -1.89 -3.63
C SER A 187 -32.12 -0.87 -2.49
N ALA A 188 -31.44 0.25 -2.73
CA ALA A 188 -31.39 1.41 -1.82
C ALA A 188 -32.66 2.26 -1.97
N TRP A 189 -33.59 1.84 -2.82
CA TRP A 189 -34.85 2.58 -3.07
C TRP A 189 -36.04 1.75 -2.60
N GLU A 190 -36.88 2.33 -1.74
CA GLU A 190 -38.10 1.71 -1.19
C GLU A 190 -39.34 2.49 -1.65
N TRP A 191 -40.30 1.77 -2.25
CA TRP A 191 -41.59 2.34 -2.70
C TRP A 191 -42.45 2.72 -1.50
N SER A 192 -42.99 3.95 -1.50
CA SER A 192 -44.06 4.44 -0.60
C SER A 192 -45.38 4.48 -1.39
N GLU A 193 -46.33 3.61 -1.04
CA GLU A 193 -47.68 3.59 -1.65
C GLU A 193 -48.32 4.96 -1.42
N LYS A 194 -48.17 5.48 -0.19
CA LYS A 194 -48.80 6.75 0.25
C LYS A 194 -48.32 7.89 -0.65
N ARG A 195 -47.02 8.04 -0.83
CA ARG A 195 -46.46 9.20 -1.53
C ARG A 195 -46.32 8.93 -3.04
N GLN A 196 -46.43 7.68 -3.48
CA GLN A 196 -46.29 7.27 -4.91
C GLN A 196 -44.90 7.73 -5.39
N GLN A 197 -43.89 7.52 -4.55
CA GLN A 197 -42.47 7.85 -4.86
C GLN A 197 -41.59 6.86 -4.10
N TYR A 198 -40.34 6.72 -4.51
CA TYR A 198 -39.33 5.93 -3.78
C TYR A 198 -38.63 6.85 -2.78
N TYR A 199 -38.26 6.33 -1.61
CA TYR A 199 -37.29 7.03 -0.73
C TYR A 199 -35.96 6.28 -0.76
N LEU A 200 -34.87 7.00 -0.49
CA LEU A 200 -33.50 6.42 -0.42
C LEU A 200 -33.23 5.88 0.99
N HIS A 201 -32.67 4.68 1.06
CA HIS A 201 -32.08 4.08 2.29
C HIS A 201 -30.76 3.41 1.92
N GLN A 202 -29.64 4.02 2.28
CA GLN A 202 -28.31 3.38 2.10
C GLN A 202 -28.19 2.21 3.10
N PHE A 203 -28.91 2.26 4.22
CA PHE A 203 -28.87 1.22 5.27
C PHE A 203 -30.18 0.44 5.18
N ALA A 204 -30.83 0.13 6.30
CA ALA A 204 -32.06 -0.68 6.32
C ALA A 204 -33.20 0.10 5.64
N ILE A 205 -34.22 -0.63 5.21
CA ILE A 205 -35.50 -0.04 4.70
C ILE A 205 -35.99 0.98 5.73
N GLN A 206 -35.79 0.71 7.01
CA GLN A 206 -36.32 1.55 8.13
C GLN A 206 -35.41 2.75 8.42
N GLN A 207 -34.25 2.87 7.76
CA GLN A 207 -33.29 3.99 7.95
C GLN A 207 -33.33 4.89 6.70
N VAL A 208 -34.02 6.02 6.80
CA VAL A 208 -34.34 6.88 5.63
C VAL A 208 -33.30 8.00 5.53
N ASP A 209 -32.63 8.12 4.39
CA ASP A 209 -31.55 9.13 4.19
C ASP A 209 -32.13 10.55 4.11
N PHE A 210 -31.67 11.44 4.98
CA PHE A 210 -31.95 12.89 4.95
C PHE A 210 -31.39 13.48 3.64
N ASP A 211 -32.01 14.55 3.17
CA ASP A 211 -31.49 15.36 2.05
C ASP A 211 -30.57 16.46 2.62
N PHE A 212 -29.25 16.29 2.49
CA PHE A 212 -28.23 17.25 3.01
C PHE A 212 -28.03 18.43 2.05
N ARG A 213 -28.81 18.53 0.96
CA ARG A 213 -28.87 19.78 0.15
C ARG A 213 -30.03 20.66 0.62
N ASN A 214 -30.85 20.18 1.56
CA ASN A 214 -31.98 20.92 2.17
C ASN A 214 -31.46 21.71 3.37
N PRO A 215 -31.50 23.06 3.35
CA PRO A 215 -30.99 23.85 4.48
C PRO A 215 -31.69 23.56 5.82
N ALA A 216 -32.95 23.14 5.76
CA ALA A 216 -33.75 22.77 6.94
C ALA A 216 -33.18 21.49 7.61
N VAL A 217 -32.74 20.51 6.81
CA VAL A 217 -32.03 19.29 7.33
C VAL A 217 -30.73 19.73 8.04
N LYS A 218 -29.94 20.59 7.41
CA LYS A 218 -28.65 21.06 7.98
C LYS A 218 -28.91 21.80 9.29
N GLN A 219 -29.96 22.61 9.35
CA GLN A 219 -30.31 23.35 10.59
C GLN A 219 -30.65 22.36 11.70
N GLU A 220 -31.40 21.30 11.37
CA GLU A 220 -31.87 20.30 12.35
C GLU A 220 -30.65 19.58 12.94
N MET A 221 -29.61 19.32 12.15
CA MET A 221 -28.37 18.67 12.67
C MET A 221 -27.74 19.59 13.72
N PHE A 222 -27.63 20.89 13.47
CA PHE A 222 -27.12 21.84 14.50
C PHE A 222 -28.04 21.82 15.72
N ASN A 223 -29.37 21.75 15.54
CA ASN A 223 -30.33 21.72 16.68
C ASN A 223 -30.03 20.51 17.56
N ILE A 224 -29.82 19.34 16.95
CA ILE A 224 -29.59 18.07 17.71
C ILE A 224 -28.28 18.19 18.49
N MET A 225 -27.20 18.62 17.85
CA MET A 225 -25.87 18.71 18.51
C MET A 225 -25.95 19.74 19.64
N LYS A 226 -26.54 20.91 19.41
CA LYS A 226 -26.67 21.98 20.44
C LYS A 226 -27.39 21.42 21.67
N PHE A 227 -28.49 20.69 21.46
CA PHE A 227 -29.30 20.10 22.55
C PHE A 227 -28.39 19.28 23.47
N TRP A 228 -27.61 18.36 22.90
CA TRP A 228 -26.83 17.40 23.71
C TRP A 228 -25.56 18.06 24.26
N LEU A 229 -24.94 18.99 23.54
CA LEU A 229 -23.79 19.76 24.13
C LEU A 229 -24.32 20.57 25.33
N ASP A 230 -25.49 21.17 25.19
CA ASP A 230 -26.13 21.98 26.28
C ASP A 230 -26.35 21.10 27.52
N LYS A 231 -26.67 19.81 27.34
CA LYS A 231 -26.84 18.83 28.45
C LYS A 231 -25.49 18.53 29.13
N GLY A 232 -24.39 18.82 28.44
CA GLY A 232 -23.01 18.67 28.95
C GLY A 232 -22.23 17.54 28.29
N ALA A 233 -22.66 17.04 27.11
CA ALA A 233 -21.87 16.03 26.36
C ALA A 233 -20.54 16.68 25.96
N ASP A 234 -19.46 15.89 25.94
CA ASP A 234 -18.08 16.38 25.63
C ASP A 234 -17.82 16.22 24.12
N GLY A 235 -18.82 15.77 23.36
CA GLY A 235 -18.74 15.76 21.90
C GLY A 235 -19.41 14.54 21.30
N PHE A 236 -19.05 14.21 20.06
CA PHE A 236 -19.78 13.20 19.27
C PHE A 236 -18.83 12.34 18.45
N ARG A 237 -19.22 11.08 18.30
CA ARG A 237 -18.79 10.23 17.17
C ARG A 237 -19.80 10.48 16.05
N LEU A 238 -19.32 10.72 14.83
CA LEU A 238 -20.16 11.05 13.66
C LEU A 238 -20.30 9.80 12.78
N ASP A 239 -21.52 9.25 12.71
CA ASP A 239 -21.82 7.96 12.05
C ASP A 239 -21.90 8.09 10.52
N ALA A 240 -21.25 7.16 9.81
CA ALA A 240 -21.54 6.80 8.39
C ALA A 240 -21.39 8.00 7.45
N LEU A 241 -20.38 8.84 7.66
CA LEU A 241 -20.27 10.14 6.94
C LEU A 241 -20.04 9.93 5.45
N PRO A 242 -19.35 8.86 4.96
CA PRO A 242 -19.16 8.71 3.52
C PRO A 242 -20.46 8.68 2.71
N TYR A 243 -21.57 8.32 3.34
CA TYR A 243 -22.89 8.14 2.68
C TYR A 243 -23.76 9.40 2.81
N LEU A 244 -23.25 10.54 3.32
CA LEU A 244 -24.12 11.73 3.55
C LEU A 244 -24.82 12.12 2.24
N ILE A 245 -24.06 12.38 1.17
CA ILE A 245 -24.60 13.02 -0.04
C ILE A 245 -24.46 12.08 -1.24
N GLU A 246 -25.47 12.10 -2.11
CA GLU A 246 -25.51 11.30 -3.36
C GLU A 246 -25.67 12.27 -4.53
N ALA A 247 -25.44 11.79 -5.76
CA ALA A 247 -25.48 12.62 -6.97
C ALA A 247 -26.81 13.38 -7.05
N ASP A 248 -26.74 14.65 -7.42
CA ASP A 248 -27.91 15.53 -7.68
C ASP A 248 -28.47 15.19 -9.07
N PRO A 249 -29.76 14.83 -9.22
CA PRO A 249 -30.32 14.56 -10.54
C PRO A 249 -30.21 15.77 -11.50
N ALA A 250 -30.13 16.99 -10.97
CA ALA A 250 -29.91 18.22 -11.77
C ALA A 250 -28.62 18.12 -12.58
N ASP A 251 -27.65 17.30 -12.15
CA ASP A 251 -26.33 17.14 -12.84
C ASP A 251 -26.38 15.95 -13.79
N HIS A 252 -27.50 15.23 -13.89
CA HIS A 252 -27.60 13.95 -14.67
C HIS A 252 -28.88 13.97 -15.50
N GLU A 253 -29.25 15.14 -16.04
CA GLU A 253 -30.39 15.32 -16.97
C GLU A 253 -31.67 14.86 -16.29
N GLY A 254 -31.82 15.23 -15.01
CA GLY A 254 -33.05 15.07 -14.22
C GLY A 254 -33.32 13.65 -13.78
N ARG A 255 -32.30 12.79 -13.73
CA ARG A 255 -32.44 11.44 -13.12
C ARG A 255 -31.31 11.18 -12.12
N TYR A 256 -31.51 10.21 -11.23
CA TYR A 256 -30.43 9.65 -10.38
C TYR A 256 -29.61 8.72 -11.25
N PRO A 257 -28.30 8.98 -11.39
CA PRO A 257 -27.45 8.17 -12.27
C PRO A 257 -27.19 6.81 -11.64
N ASP A 258 -27.21 5.77 -12.46
CA ASP A 258 -26.77 4.41 -12.03
C ASP A 258 -25.33 4.47 -11.53
N ASP A 259 -25.02 3.75 -10.45
CA ASP A 259 -23.62 3.49 -10.05
C ASP A 259 -23.02 2.55 -11.09
N PRO A 260 -21.72 2.69 -11.41
CA PRO A 260 -21.04 1.72 -12.27
C PRO A 260 -21.17 0.30 -11.72
N LEU A 261 -21.23 -0.71 -12.61
CA LEU A 261 -21.25 -2.13 -12.20
C LEU A 261 -19.82 -2.56 -11.89
N SER A 262 -19.63 -3.42 -10.88
CA SER A 262 -18.31 -3.98 -10.49
C SER A 262 -17.86 -5.03 -11.51
N GLY A 263 -18.80 -5.82 -12.04
CA GLY A 263 -18.51 -6.95 -12.94
C GLY A 263 -18.03 -8.18 -12.20
N LEU A 264 -18.05 -8.17 -10.86
CA LEU A 264 -17.69 -9.34 -10.00
C LEU A 264 -18.84 -10.36 -10.08
N THR A 265 -18.56 -11.58 -10.54
CA THR A 265 -19.61 -12.59 -10.89
C THR A 265 -20.28 -13.17 -9.64
N GLN A 266 -19.64 -13.07 -8.46
CA GLN A 266 -20.19 -13.63 -7.20
C GLN A 266 -21.34 -12.77 -6.67
N PHE A 267 -21.61 -11.59 -7.27
CA PHE A 267 -22.66 -10.64 -6.80
C PHE A 267 -23.74 -10.46 -7.88
N GLU A 268 -24.98 -10.81 -7.55
CA GLU A 268 -26.17 -10.50 -8.36
C GLU A 268 -26.64 -9.08 -8.00
N SER A 269 -27.62 -8.55 -8.74
CA SER A 269 -28.00 -7.12 -8.77
C SER A 269 -28.57 -6.64 -7.43
N HIS A 270 -29.00 -7.55 -6.56
CA HIS A 270 -29.58 -7.25 -5.23
C HIS A 270 -28.50 -7.36 -4.14
N GLN A 271 -27.26 -7.65 -4.50
CA GLN A 271 -26.20 -8.00 -3.51
C GLN A 271 -25.14 -6.90 -3.45
N LEU A 272 -24.82 -6.46 -2.24
CA LEU A 272 -23.75 -5.46 -2.02
C LEU A 272 -22.47 -5.95 -2.67
N GLY A 273 -21.87 -5.10 -3.52
CA GLY A 273 -20.65 -5.38 -4.30
C GLY A 273 -20.94 -5.44 -5.79
N TYR A 274 -22.21 -5.54 -6.17
CA TYR A 274 -22.70 -5.48 -7.58
C TYR A 274 -22.33 -4.14 -8.22
N THR A 275 -22.35 -3.05 -7.44
CA THR A 275 -22.02 -1.68 -7.92
C THR A 275 -20.74 -1.14 -7.26
N ILE A 276 -20.11 -0.18 -7.95
CA ILE A 276 -19.07 0.74 -7.42
C ILE A 276 -19.77 2.03 -7.01
N PRO A 277 -19.71 2.44 -5.72
CA PRO A 277 -20.52 3.57 -5.23
C PRO A 277 -19.99 4.96 -5.64
N LEU A 278 -19.81 5.19 -6.93
CA LEU A 278 -19.27 6.47 -7.48
C LEU A 278 -20.21 7.64 -7.17
N TYR A 279 -21.53 7.45 -7.25
CA TYR A 279 -22.54 8.53 -7.13
C TYR A 279 -23.22 8.50 -5.76
N THR A 280 -22.82 7.59 -4.86
CA THR A 280 -23.54 7.32 -3.59
C THR A 280 -22.61 7.36 -2.37
N LYS A 281 -21.31 7.58 -2.55
CA LYS A 281 -20.33 7.52 -1.42
C LYS A 281 -19.13 8.44 -1.70
N ASP A 282 -18.62 9.10 -0.66
CA ASP A 282 -17.37 9.90 -0.71
C ASP A 282 -17.54 11.13 -1.61
N LEU A 283 -18.75 11.65 -1.79
CA LEU A 283 -18.94 12.87 -2.62
C LEU A 283 -18.24 14.05 -1.93
N ILE A 284 -17.53 14.88 -2.70
CA ILE A 284 -16.70 16.00 -2.14
C ILE A 284 -17.61 16.91 -1.29
N GLU A 285 -18.90 17.03 -1.64
CA GLU A 285 -19.87 17.90 -0.92
C GLU A 285 -20.03 17.47 0.54
N LEU A 286 -19.84 16.18 0.87
CA LEU A 286 -20.08 15.73 2.27
C LEU A 286 -19.14 16.50 3.20
N TYR A 287 -17.91 16.77 2.74
CA TYR A 287 -16.83 17.34 3.59
C TYR A 287 -17.19 18.78 3.97
N ASP A 288 -17.92 19.50 3.10
CA ASP A 288 -18.35 20.89 3.37
C ASP A 288 -19.30 20.88 4.57
N VAL A 289 -20.15 19.85 4.71
CA VAL A 289 -21.05 19.69 5.87
C VAL A 289 -20.20 19.47 7.13
N VAL A 290 -19.20 18.59 7.05
CA VAL A 290 -18.29 18.30 8.20
C VAL A 290 -17.58 19.61 8.61
N TYR A 291 -17.11 20.41 7.67
CA TYR A 291 -16.33 21.64 7.99
C TYR A 291 -17.27 22.64 8.67
N GLU A 292 -18.54 22.68 8.25
CA GLU A 292 -19.62 23.53 8.85
C GLU A 292 -19.91 23.06 10.28
N TRP A 293 -19.96 21.75 10.52
CA TRP A 293 -20.12 21.21 11.89
C TRP A 293 -18.95 21.68 12.77
N ARG A 294 -17.71 21.60 12.26
CA ARG A 294 -16.50 21.94 13.05
C ARG A 294 -16.53 23.44 13.40
N GLU A 295 -16.92 24.29 12.43
CA GLU A 295 -17.03 25.78 12.60
C GLU A 295 -18.01 26.05 13.76
N PHE A 296 -19.18 25.41 13.73
CA PHE A 296 -20.22 25.48 14.79
C PHE A 296 -19.63 25.03 16.13
N LEU A 297 -18.88 23.93 16.15
CA LEU A 297 -18.31 23.36 17.40
C LEU A 297 -17.24 24.33 17.95
N ASP A 298 -16.38 24.87 17.08
CA ASP A 298 -15.32 25.82 17.49
C ASP A 298 -15.98 27.05 18.16
N GLU A 299 -17.03 27.57 17.54
CA GLU A 299 -17.82 28.73 18.05
C GLU A 299 -18.43 28.34 19.40
N TYR A 300 -18.97 27.14 19.55
CA TYR A 300 -19.59 26.65 20.80
C TYR A 300 -18.51 26.56 21.89
N ASN A 301 -17.34 25.99 21.59
CA ASN A 301 -16.21 25.86 22.55
C ASN A 301 -15.74 27.25 22.99
N LYS A 302 -15.66 28.20 22.06
CA LYS A 302 -15.22 29.59 22.33
C LYS A 302 -16.21 30.26 23.28
N ASN A 303 -17.51 30.12 23.03
CA ASN A 303 -18.58 30.84 23.78
C ASN A 303 -18.86 30.19 25.13
N HIS A 304 -18.61 28.88 25.31
CA HIS A 304 -18.95 28.16 26.56
C HIS A 304 -17.72 27.93 27.44
N GLY A 305 -16.50 27.97 26.87
CA GLY A 305 -15.28 27.60 27.59
C GLY A 305 -15.37 26.19 28.17
N GLY A 306 -14.58 25.91 29.22
CA GLY A 306 -14.43 24.57 29.81
C GLY A 306 -13.66 23.65 28.87
N ASP A 307 -13.77 22.34 29.09
CA ASP A 307 -13.04 21.31 28.29
C ASP A 307 -13.49 21.38 26.82
N THR A 308 -12.53 21.32 25.89
CA THR A 308 -12.80 21.28 24.43
C THR A 308 -13.79 20.15 24.14
N ARG A 309 -14.87 20.48 23.44
CA ARG A 309 -15.84 19.50 22.88
C ARG A 309 -15.37 19.11 21.48
N VAL A 310 -15.41 17.82 21.16
CA VAL A 310 -14.72 17.28 19.95
C VAL A 310 -15.69 16.44 19.10
N VAL A 311 -15.35 16.26 17.83
CA VAL A 311 -16.04 15.29 16.93
C VAL A 311 -14.99 14.38 16.31
N PHE A 312 -15.24 13.07 16.40
CA PHE A 312 -14.44 11.99 15.78
C PHE A 312 -15.35 11.34 14.73
N SER A 313 -14.92 11.32 13.47
CA SER A 313 -15.76 10.86 12.34
C SER A 313 -15.51 9.37 12.04
N GLU A 314 -16.59 8.66 11.71
CA GLU A 314 -16.59 7.26 11.23
C GLU A 314 -16.77 7.27 9.70
N GLY A 315 -15.81 6.67 9.00
CA GLY A 315 -15.89 6.46 7.55
C GLY A 315 -14.85 5.45 7.12
N TYR A 316 -15.29 4.36 6.49
CA TYR A 316 -14.42 3.36 5.81
C TYR A 316 -14.29 3.82 4.35
N ALA A 317 -13.10 4.30 4.00
CA ALA A 317 -12.82 4.93 2.70
C ALA A 317 -11.34 4.79 2.41
N ASN A 318 -10.91 5.11 1.19
CA ASN A 318 -9.48 5.05 0.84
C ASN A 318 -8.72 6.14 1.62
N VAL A 319 -7.41 6.16 1.52
CA VAL A 319 -6.56 7.08 2.34
C VAL A 319 -6.90 8.55 2.00
N SER A 320 -6.97 8.90 0.71
CA SER A 320 -7.25 10.30 0.27
C SER A 320 -8.55 10.80 0.90
N MET A 321 -9.61 10.00 0.77
CA MET A 321 -10.97 10.38 1.20
C MET A 321 -11.02 10.38 2.74
N THR A 322 -10.23 9.51 3.38
CA THR A 322 -10.20 9.46 4.85
C THR A 322 -9.52 10.73 5.38
N MET A 323 -8.42 11.14 4.77
CA MET A 323 -7.63 12.29 5.33
C MET A 323 -8.38 13.62 5.11
N LEU A 324 -9.27 13.70 4.13
CA LEU A 324 -10.07 14.92 3.89
C LEU A 324 -10.98 15.23 5.08
N TYR A 325 -11.27 14.25 5.95
CA TYR A 325 -12.06 14.50 7.18
C TYR A 325 -11.30 15.45 8.12
N TYR A 326 -9.96 15.46 8.10
CA TYR A 326 -9.16 16.36 8.97
C TYR A 326 -9.36 17.81 8.50
N GLY A 327 -9.47 18.01 7.19
CA GLY A 327 -9.47 19.33 6.53
C GLY A 327 -8.97 19.22 5.10
N ASN A 328 -8.84 20.35 4.40
CA ASN A 328 -8.49 20.40 2.96
C ASN A 328 -7.40 21.46 2.71
N GLU A 329 -6.86 21.52 1.49
CA GLU A 329 -5.75 22.42 1.12
C GLU A 329 -6.18 23.90 1.20
N ASP A 330 -7.49 24.19 1.09
CA ASP A 330 -8.04 25.57 1.24
C ASP A 330 -7.97 26.03 2.71
N GLY A 331 -7.65 25.13 3.65
CA GLY A 331 -7.51 25.45 5.08
C GLY A 331 -8.78 25.24 5.88
N ALA A 332 -9.84 24.68 5.28
CA ALA A 332 -11.03 24.22 6.04
C ALA A 332 -10.56 23.16 7.04
N ILE A 333 -11.17 23.13 8.23
CA ILE A 333 -10.85 22.17 9.32
C ILE A 333 -12.08 21.30 9.57
N GLY A 334 -11.89 19.97 9.67
CA GLY A 334 -13.00 19.03 9.86
C GLY A 334 -13.02 18.38 11.23
N ALA A 335 -13.16 17.06 11.26
CA ALA A 335 -13.23 16.30 12.52
C ALA A 335 -11.88 16.45 13.23
N HIS A 336 -11.89 16.44 14.55
CA HIS A 336 -10.65 16.39 15.38
C HIS A 336 -9.79 15.21 14.90
N PHE A 337 -10.42 14.08 14.55
CA PHE A 337 -9.81 13.06 13.66
C PHE A 337 -10.90 12.17 13.07
N PRO A 338 -10.66 11.65 11.85
CA PRO A 338 -11.38 10.48 11.37
C PRO A 338 -10.77 9.23 12.02
N PHE A 339 -11.60 8.26 12.37
CA PHE A 339 -11.12 6.97 12.93
C PHE A 339 -10.19 6.30 11.92
N ASN A 340 -9.10 5.74 12.44
CA ASN A 340 -8.13 4.90 11.70
C ASN A 340 -8.52 3.43 11.89
N PHE A 341 -9.10 2.80 10.87
CA PHE A 341 -9.59 1.39 10.93
C PHE A 341 -8.58 0.39 10.33
N ASP A 342 -7.33 0.81 10.11
CA ASP A 342 -6.30 -0.01 9.42
C ASP A 342 -6.09 -1.35 10.13
N PHE A 343 -6.14 -1.42 11.47
CA PHE A 343 -5.93 -2.69 12.23
C PHE A 343 -7.15 -3.61 12.07
N ILE A 344 -8.27 -3.10 11.54
CA ILE A 344 -9.47 -3.91 11.19
C ILE A 344 -9.38 -4.33 9.72
N THR A 345 -9.09 -3.38 8.82
CA THR A 345 -9.23 -3.58 7.36
C THR A 345 -7.98 -4.21 6.73
N ASP A 346 -6.80 -3.95 7.27
CA ASP A 346 -5.54 -4.18 6.51
C ASP A 346 -4.58 -5.13 7.25
N LEU A 347 -4.87 -5.51 8.50
CA LEU A 347 -4.03 -6.47 9.26
C LEU A 347 -4.92 -7.54 9.87
N SER A 348 -4.33 -8.72 10.07
CA SER A 348 -5.01 -9.89 10.67
C SER A 348 -3.95 -10.93 11.03
N SER A 349 -4.40 -12.12 11.41
CA SER A 349 -3.52 -13.27 11.72
C SER A 349 -2.75 -13.68 10.46
N LYS A 350 -3.16 -13.23 9.26
CA LYS A 350 -2.42 -13.54 8.01
C LYS A 350 -1.20 -12.60 7.87
N SER A 351 -1.11 -11.56 8.69
CA SER A 351 -0.07 -10.50 8.56
C SER A 351 1.24 -10.96 9.23
N ASN A 352 2.38 -10.57 8.64
CA ASN A 352 3.71 -10.75 9.24
C ASN A 352 4.21 -9.39 9.76
N ALA A 353 5.42 -9.34 10.32
CA ALA A 353 5.97 -8.16 11.01
C ALA A 353 6.14 -7.01 10.01
N ARG A 354 6.45 -7.34 8.75
CA ARG A 354 6.69 -6.31 7.70
C ARG A 354 5.34 -5.68 7.34
N ASP A 355 4.27 -6.49 7.27
CA ASP A 355 2.88 -6.01 7.06
C ASP A 355 2.52 -5.06 8.20
N PHE A 356 2.80 -5.44 9.46
CA PHE A 356 2.47 -4.58 10.63
C PHE A 356 3.13 -3.21 10.46
N VAL A 357 4.42 -3.19 10.14
CA VAL A 357 5.22 -1.94 9.99
C VAL A 357 4.62 -1.13 8.82
N TYR A 358 4.41 -1.75 7.67
CA TYR A 358 3.98 -1.03 6.46
C TYR A 358 2.58 -0.42 6.67
N ILE A 359 1.69 -1.09 7.41
CA ILE A 359 0.32 -0.55 7.62
C ILE A 359 0.36 0.54 8.69
N ILE A 360 1.10 0.34 9.78
CA ILE A 360 1.25 1.39 10.83
C ILE A 360 1.76 2.68 10.18
N LEU A 361 2.71 2.55 9.25
CA LEU A 361 3.33 3.72 8.57
C LEU A 361 2.33 4.46 7.69
N ARG A 362 1.23 3.82 7.27
CA ARG A 362 0.29 4.44 6.30
C ARG A 362 -0.36 5.67 6.94
N TRP A 363 -0.97 5.54 8.12
CA TRP A 363 -1.57 6.72 8.80
C TRP A 363 -0.50 7.79 9.03
N LEU A 364 0.67 7.39 9.52
CA LEU A 364 1.70 8.36 9.95
C LEU A 364 2.32 9.02 8.71
N THR A 365 2.31 8.38 7.55
CA THR A 365 2.86 8.99 6.31
C THR A 365 1.84 9.95 5.70
N TYR A 366 0.56 9.62 5.75
CA TYR A 366 -0.48 10.33 4.95
C TYR A 366 -1.20 11.40 5.77
N MET A 367 -1.16 11.30 7.10
CA MET A 367 -1.90 12.25 7.97
C MET A 367 -1.30 13.64 7.79
N PRO A 368 -2.14 14.70 7.67
CA PRO A 368 -1.63 16.06 7.53
C PRO A 368 -0.80 16.48 8.75
N TYR A 369 0.21 17.32 8.53
CA TYR A 369 1.08 17.85 9.60
C TYR A 369 0.18 18.61 10.58
N GLY A 370 0.34 18.34 11.86
CA GLY A 370 -0.49 18.88 12.95
C GLY A 370 -1.68 17.98 13.28
N GLY A 371 -1.99 17.00 12.41
CA GLY A 371 -3.08 16.04 12.68
C GLY A 371 -2.77 15.18 13.89
N ILE A 372 -3.79 14.75 14.62
CA ILE A 372 -3.66 13.79 15.75
C ILE A 372 -3.93 12.38 15.23
N PRO A 373 -2.95 11.45 15.33
CA PRO A 373 -3.18 10.07 14.96
C PRO A 373 -4.06 9.36 15.99
N ASN A 374 -4.79 8.34 15.54
CA ASN A 374 -5.60 7.46 16.41
C ASN A 374 -5.47 6.03 15.88
N TRP A 375 -5.82 5.05 16.71
CA TRP A 375 -5.64 3.61 16.41
C TRP A 375 -6.87 2.85 16.92
N VAL A 376 -7.59 2.21 16.01
CA VAL A 376 -8.81 1.41 16.33
C VAL A 376 -8.52 -0.05 16.00
N PHE A 377 -8.75 -0.95 16.97
CA PHE A 377 -8.49 -2.40 16.86
C PHE A 377 -9.81 -3.17 16.79
N GLY A 378 -10.94 -2.48 16.97
CA GLY A 378 -12.26 -3.13 16.98
C GLY A 378 -13.39 -2.15 17.16
N ASN A 379 -14.61 -2.63 16.93
CA ASN A 379 -15.87 -1.88 17.17
C ASN A 379 -17.00 -2.91 17.07
N HIS A 380 -18.24 -2.46 17.25
CA HIS A 380 -19.45 -3.30 17.27
C HIS A 380 -19.80 -3.77 15.85
N ASP A 381 -19.07 -3.35 14.82
CA ASP A 381 -19.39 -3.71 13.41
C ASP A 381 -18.41 -4.75 12.86
N ASN A 382 -17.42 -5.18 13.65
CA ASN A 382 -16.33 -6.05 13.16
C ASN A 382 -16.04 -7.14 14.19
N ASN A 383 -15.40 -8.22 13.75
CA ASN A 383 -15.03 -9.34 14.66
C ASN A 383 -14.08 -8.79 15.73
N ARG A 384 -14.08 -9.40 16.91
CA ARG A 384 -13.25 -8.96 18.04
C ARG A 384 -11.77 -9.16 17.71
N MET A 385 -10.92 -8.27 18.25
CA MET A 385 -9.47 -8.20 18.01
C MET A 385 -8.79 -9.57 18.15
N PRO A 386 -9.00 -10.36 19.23
CA PRO A 386 -8.31 -11.66 19.37
C PRO A 386 -8.78 -12.73 18.36
N THR A 387 -9.99 -12.58 17.80
CA THR A 387 -10.55 -13.48 16.75
C THR A 387 -9.94 -13.10 15.39
N ARG A 388 -9.77 -11.81 15.12
CA ARG A 388 -9.22 -11.33 13.82
C ARG A 388 -7.74 -11.71 13.77
N PHE A 389 -7.05 -11.55 14.90
CA PHE A 389 -5.63 -11.91 15.10
C PHE A 389 -5.58 -13.30 15.73
N ARG A 390 -4.87 -13.47 16.85
CA ARG A 390 -4.80 -14.76 17.60
C ARG A 390 -4.92 -14.46 19.09
N HIS A 391 -5.32 -15.45 19.88
CA HIS A 391 -5.43 -15.33 21.36
C HIS A 391 -4.10 -14.93 21.99
N ASP A 392 -2.97 -15.40 21.44
CA ASP A 392 -1.61 -15.17 22.02
C ASP A 392 -1.06 -13.82 21.55
N MET A 393 -1.85 -12.97 20.87
CA MET A 393 -1.40 -11.65 20.35
C MET A 393 -2.06 -10.50 21.10
N VAL A 394 -2.97 -10.76 22.04
CA VAL A 394 -3.80 -9.71 22.69
C VAL A 394 -2.90 -8.64 23.32
N ASP A 395 -1.89 -9.06 24.09
CA ASP A 395 -1.05 -8.08 24.83
C ASP A 395 -0.28 -7.21 23.83
N GLY A 396 0.34 -7.82 22.82
CA GLY A 396 1.12 -7.09 21.81
C GLY A 396 0.26 -6.06 21.08
N LEU A 397 -0.97 -6.44 20.73
CA LEU A 397 -1.93 -5.53 20.05
C LEU A 397 -2.28 -4.35 20.97
N ASN A 398 -2.61 -4.60 22.24
CA ASN A 398 -2.90 -3.51 23.21
C ASN A 398 -1.65 -2.64 23.40
N ILE A 399 -0.44 -3.22 23.41
CA ILE A 399 0.80 -2.41 23.53
C ILE A 399 0.90 -1.47 22.30
N ILE A 400 0.72 -1.99 21.08
CA ILE A 400 0.79 -1.13 19.87
C ILE A 400 -0.15 0.06 20.06
N ASN A 401 -1.40 -0.23 20.44
CA ASN A 401 -2.48 0.77 20.61
C ASN A 401 -1.98 1.87 21.54
N MET A 402 -1.37 1.50 22.66
CA MET A 402 -1.04 2.45 23.76
C MET A 402 0.31 3.15 23.51
N LEU A 403 1.21 2.54 22.76
CA LEU A 403 2.61 3.04 22.58
C LEU A 403 2.76 3.85 21.30
N LEU A 404 1.91 3.67 20.28
CA LEU A 404 1.93 4.55 19.08
C LEU A 404 1.56 5.96 19.49
N PRO A 405 2.09 6.99 18.78
CA PRO A 405 1.73 8.36 19.09
C PRO A 405 0.23 8.59 18.89
N GLY A 406 -0.33 9.49 19.71
CA GLY A 406 -1.69 10.01 19.58
C GLY A 406 -2.67 9.28 20.48
N VAL A 407 -3.82 8.88 19.92
CA VAL A 407 -5.02 8.44 20.68
C VAL A 407 -5.20 6.93 20.52
N ALA A 408 -5.32 6.22 21.65
CA ALA A 408 -5.64 4.80 21.73
C ALA A 408 -7.15 4.67 21.80
N VAL A 409 -7.75 3.84 20.93
CA VAL A 409 -9.21 3.58 20.94
C VAL A 409 -9.38 2.12 21.31
N THR A 410 -10.19 1.87 22.32
CA THR A 410 -10.47 0.52 22.83
C THR A 410 -11.95 0.24 22.65
N TYR A 411 -12.28 -0.91 22.08
CA TYR A 411 -13.68 -1.41 22.02
C TYR A 411 -13.92 -2.32 23.23
N GLN A 412 -15.03 -2.07 23.93
CA GLN A 412 -15.59 -2.94 25.00
C GLN A 412 -15.11 -4.38 24.84
N GLY A 413 -14.30 -4.85 25.80
CA GLY A 413 -13.86 -6.26 25.86
C GLY A 413 -12.39 -6.44 25.53
N GLU A 414 -11.79 -5.52 24.75
CA GLU A 414 -10.39 -5.65 24.32
C GLU A 414 -9.45 -5.64 25.54
N GLU A 415 -9.85 -4.97 26.62
CA GLU A 415 -9.01 -4.79 27.83
C GLU A 415 -8.88 -6.12 28.59
N ILE A 416 -9.73 -7.12 28.29
CA ILE A 416 -9.67 -8.48 28.90
C ILE A 416 -9.52 -9.55 27.81
N GLY A 417 -9.31 -9.17 26.54
CA GLY A 417 -9.12 -10.11 25.43
C GLY A 417 -10.35 -10.94 25.11
N MET A 418 -11.55 -10.34 25.21
CA MET A 418 -12.80 -11.06 24.83
C MET A 418 -12.69 -11.52 23.37
N ARG A 419 -13.16 -12.74 23.13
CA ARG A 419 -13.22 -13.37 21.80
C ARG A 419 -14.65 -13.23 21.29
N ASP A 420 -14.84 -13.33 19.98
CA ASP A 420 -16.19 -13.46 19.36
C ASP A 420 -16.96 -14.54 20.13
N GLY A 421 -18.21 -14.26 20.46
CA GLY A 421 -19.18 -15.24 20.99
C GLY A 421 -19.79 -16.03 19.85
N TYR A 422 -20.08 -17.31 20.07
CA TYR A 422 -20.92 -18.11 19.15
C TYR A 422 -22.35 -17.57 19.23
N VAL A 423 -22.94 -17.27 18.08
CA VAL A 423 -24.36 -16.89 17.93
C VAL A 423 -24.94 -17.77 16.83
N SER A 424 -25.95 -18.58 17.15
CA SER A 424 -26.64 -19.46 16.18
C SER A 424 -27.44 -18.60 15.20
N TRP A 425 -27.88 -19.16 14.07
CA TRP A 425 -28.85 -18.51 13.17
C TRP A 425 -30.09 -18.13 14.00
N GLU A 426 -30.55 -19.04 14.86
CA GLU A 426 -31.81 -18.88 15.65
C GLU A 426 -31.68 -17.67 16.56
N ASP A 427 -30.48 -17.38 17.08
CA ASP A 427 -30.24 -16.32 18.09
C ASP A 427 -29.75 -15.02 17.41
N THR A 428 -29.56 -15.03 16.09
CA THR A 428 -29.03 -13.88 15.32
C THR A 428 -30.12 -12.80 15.22
N VAL A 429 -29.76 -11.55 15.54
CA VAL A 429 -30.72 -10.41 15.51
C VAL A 429 -30.19 -9.26 14.63
N ASP A 430 -28.95 -9.34 14.15
CA ASP A 430 -28.34 -8.30 13.28
C ASP A 430 -29.05 -8.29 11.91
N ILE A 431 -29.69 -7.17 11.58
CA ILE A 431 -30.41 -6.92 10.29
C ILE A 431 -29.47 -7.23 9.13
N GLU A 432 -28.17 -6.92 9.25
CA GLU A 432 -27.23 -7.15 8.11
C GLU A 432 -27.15 -8.65 7.82
N ALA A 433 -27.07 -9.50 8.84
CA ALA A 433 -27.00 -10.97 8.69
C ALA A 433 -28.34 -11.51 8.16
N CYS A 434 -29.45 -11.02 8.72
CA CYS A 434 -30.83 -11.47 8.43
C CYS A 434 -31.22 -11.08 7.00
N ASN A 435 -30.67 -9.97 6.50
CA ASN A 435 -31.03 -9.45 5.15
C ASN A 435 -30.07 -10.00 4.08
N ARG A 436 -28.78 -10.16 4.40
CA ARG A 436 -27.75 -10.57 3.40
C ARG A 436 -27.48 -12.08 3.47
N GLY A 437 -27.90 -12.75 4.55
CA GLY A 437 -27.48 -14.13 4.85
C GLY A 437 -28.64 -15.11 4.98
N ASP A 438 -28.32 -16.40 5.09
CA ASP A 438 -29.24 -17.50 5.44
C ASP A 438 -28.55 -18.39 6.47
N PRO A 439 -29.18 -19.46 6.98
CA PRO A 439 -28.55 -20.30 7.99
C PRO A 439 -27.13 -20.77 7.62
N ASP A 440 -26.84 -20.89 6.33
CA ASP A 440 -25.54 -21.43 5.83
C ASP A 440 -24.51 -20.31 5.71
N THR A 441 -24.93 -19.04 5.54
CA THR A 441 -24.03 -17.91 5.15
C THR A 441 -23.96 -16.81 6.21
N TYR A 442 -24.90 -16.79 7.18
CA TYR A 442 -25.14 -15.64 8.09
C TYR A 442 -23.83 -15.21 8.78
N HIS A 443 -22.92 -16.16 9.03
CA HIS A 443 -21.63 -15.93 9.76
C HIS A 443 -20.70 -14.98 8.99
N LEU A 444 -20.87 -14.84 7.66
CA LEU A 444 -20.06 -13.94 6.80
C LEU A 444 -20.43 -12.47 7.05
N TYR A 445 -21.64 -12.20 7.55
CA TYR A 445 -22.24 -10.84 7.61
C TYR A 445 -22.48 -10.40 9.07
N SER A 446 -22.83 -11.32 9.97
CA SER A 446 -23.34 -10.99 11.32
C SER A 446 -22.30 -10.22 12.13
N ARG A 447 -22.74 -9.13 12.76
CA ARG A 447 -21.94 -8.34 13.72
C ARG A 447 -22.24 -8.82 15.15
N ASP A 448 -23.19 -9.75 15.32
CA ASP A 448 -23.63 -10.18 16.68
C ASP A 448 -22.48 -10.77 17.48
N PRO A 449 -21.54 -11.57 16.91
CA PRO A 449 -20.45 -12.15 17.71
C PRO A 449 -19.60 -11.14 18.50
N ALA A 450 -19.52 -9.89 18.03
CA ALA A 450 -18.74 -8.80 18.65
C ALA A 450 -19.59 -7.98 19.62
N ARG A 451 -20.87 -8.34 19.78
CA ARG A 451 -21.85 -7.60 20.62
C ARG A 451 -22.34 -8.47 21.78
N THR A 452 -21.77 -9.65 22.01
CA THR A 452 -22.19 -10.54 23.12
C THR A 452 -21.88 -9.83 24.44
N PRO A 453 -22.68 -10.07 25.49
CA PRO A 453 -22.48 -9.41 26.78
C PRO A 453 -21.05 -9.49 27.33
N TYR A 454 -20.63 -8.39 27.93
CA TYR A 454 -19.30 -8.18 28.54
C TYR A 454 -19.10 -9.14 29.71
N HIS A 455 -17.89 -9.69 29.86
CA HIS A 455 -17.54 -10.71 30.89
C HIS A 455 -17.02 -10.03 32.16
N TRP A 456 -17.91 -9.58 33.06
CA TRP A 456 -17.53 -8.99 34.38
C TRP A 456 -16.89 -10.05 35.29
N ASP A 457 -17.46 -11.25 35.35
CA ASP A 457 -17.08 -12.27 36.37
C ASP A 457 -17.59 -13.64 35.91
N ASN A 458 -17.56 -14.63 36.80
CA ASN A 458 -17.91 -16.03 36.49
C ASN A 458 -19.30 -16.35 37.06
N SER A 459 -20.05 -15.33 37.48
CA SER A 459 -21.45 -15.48 37.94
C SER A 459 -22.37 -15.65 36.71
N THR A 460 -23.66 -15.87 36.97
CA THR A 460 -24.70 -16.02 35.94
C THR A 460 -24.50 -14.96 34.86
N SER A 461 -24.50 -15.38 33.60
CA SER A 461 -24.41 -14.48 32.42
C SER A 461 -23.16 -13.59 32.54
N ALA A 462 -22.09 -14.14 33.12
CA ALA A 462 -20.76 -13.50 33.30
C ALA A 462 -20.89 -12.19 34.08
N GLY A 463 -21.90 -12.05 34.93
CA GLY A 463 -22.11 -10.82 35.73
C GLY A 463 -22.66 -9.66 34.91
N PHE A 464 -22.96 -9.86 33.62
CA PHE A 464 -23.64 -8.83 32.79
C PHE A 464 -25.07 -8.61 33.33
N SER A 465 -25.72 -9.71 33.72
CA SER A 465 -27.15 -9.75 34.12
C SER A 465 -27.32 -10.79 35.24
N THR A 466 -28.34 -10.60 36.08
CA THR A 466 -28.83 -11.64 37.03
C THR A 466 -29.72 -12.63 36.29
N SER A 467 -30.20 -12.29 35.09
CA SER A 467 -31.02 -13.20 34.24
C SER A 467 -30.11 -14.04 33.34
N THR A 468 -30.50 -15.29 33.08
CA THR A 468 -29.86 -16.17 32.07
C THR A 468 -30.39 -15.86 30.66
N ASN A 469 -31.40 -14.99 30.55
CA ASN A 469 -32.07 -14.67 29.26
C ASN A 469 -31.58 -13.30 28.78
N THR A 470 -30.39 -13.29 28.16
CA THR A 470 -29.69 -12.07 27.68
C THR A 470 -30.02 -11.85 26.20
N TRP A 471 -30.02 -10.60 25.75
CA TRP A 471 -30.54 -10.23 24.41
C TRP A 471 -29.74 -10.92 23.31
N LEU A 472 -28.44 -11.15 23.56
CA LEU A 472 -27.57 -12.07 22.78
C LEU A 472 -26.95 -13.06 23.74
N PRO A 473 -26.64 -14.29 23.29
CA PRO A 473 -26.10 -15.30 24.19
C PRO A 473 -24.72 -14.88 24.69
N VAL A 474 -24.46 -15.14 25.98
CA VAL A 474 -23.12 -14.93 26.60
C VAL A 474 -22.16 -15.93 25.98
N ALA A 475 -20.97 -15.50 25.56
CA ALA A 475 -19.93 -16.37 24.96
C ALA A 475 -19.60 -17.53 25.92
N GLU A 476 -19.25 -18.67 25.35
CA GLU A 476 -19.07 -19.96 26.06
C GLU A 476 -17.81 -19.92 26.93
N ASP A 477 -16.91 -18.96 26.72
CA ASP A 477 -15.56 -18.95 27.37
C ASP A 477 -15.52 -17.96 28.54
N TYR A 478 -16.65 -17.47 29.03
CA TYR A 478 -16.67 -16.43 30.10
C TYR A 478 -16.04 -16.94 31.41
N GLN A 479 -16.03 -18.25 31.66
CA GLN A 479 -15.38 -18.86 32.86
C GLN A 479 -13.87 -18.61 32.79
N GLU A 480 -13.29 -18.75 31.59
CA GLU A 480 -11.85 -18.58 31.30
C GLU A 480 -11.50 -17.08 31.16
N ILE A 481 -12.39 -16.27 30.58
CA ILE A 481 -12.08 -14.87 30.20
C ILE A 481 -13.09 -13.92 30.87
N ASN A 482 -12.70 -13.30 31.97
CA ASN A 482 -13.59 -12.34 32.67
C ASN A 482 -12.74 -11.39 33.49
N LEU A 483 -13.27 -10.19 33.75
CA LEU A 483 -12.54 -9.08 34.41
C LEU A 483 -12.10 -9.51 35.82
N ALA A 484 -13.02 -10.05 36.64
CA ALA A 484 -12.72 -10.40 38.04
C ALA A 484 -11.53 -11.38 38.09
N LYS A 485 -11.52 -12.42 37.25
CA LYS A 485 -10.42 -13.43 37.21
C LYS A 485 -9.09 -12.70 36.91
N GLN A 486 -9.11 -11.75 35.97
CA GLN A 486 -7.88 -11.05 35.50
C GLN A 486 -7.40 -10.04 36.55
N LYS A 487 -8.30 -9.54 37.39
CA LYS A 487 -7.91 -8.62 38.50
C LYS A 487 -7.25 -9.42 39.63
N GLU A 488 -7.57 -10.71 39.77
CA GLU A 488 -7.07 -11.55 40.89
C GLU A 488 -5.72 -12.18 40.51
N THR A 489 -5.65 -12.80 39.34
CA THR A 489 -4.47 -13.60 38.89
C THR A 489 -3.28 -12.64 38.74
N ALA A 490 -2.06 -13.15 38.93
CA ALA A 490 -0.81 -12.37 38.98
C ALA A 490 -0.58 -11.68 37.63
N ARG A 491 -0.80 -12.39 36.53
CA ARG A 491 -0.53 -11.89 35.15
C ARG A 491 -1.82 -11.98 34.34
N SER A 492 -2.23 -10.88 33.70
CA SER A 492 -3.47 -10.84 32.89
C SER A 492 -3.45 -9.74 31.83
N HIS A 493 -4.28 -9.91 30.82
CA HIS A 493 -4.51 -8.88 29.78
C HIS A 493 -4.88 -7.55 30.45
N PHE A 494 -5.78 -7.56 31.43
CA PHE A 494 -6.25 -6.31 32.07
C PHE A 494 -5.13 -5.63 32.87
N LYS A 495 -4.32 -6.39 33.61
CA LYS A 495 -3.18 -5.80 34.36
C LYS A 495 -2.20 -5.18 33.34
N ASN A 496 -2.00 -5.82 32.19
CA ASN A 496 -1.11 -5.26 31.12
C ASN A 496 -1.74 -3.97 30.64
N TYR A 497 -3.05 -3.98 30.37
CA TYR A 497 -3.82 -2.79 29.92
C TYR A 497 -3.59 -1.63 30.90
N GLN A 498 -3.78 -1.87 32.19
CA GLN A 498 -3.56 -0.86 33.27
C GLN A 498 -2.13 -0.30 33.24
N ALA A 499 -1.13 -1.17 33.14
CA ALA A 499 0.30 -0.77 33.09
C ALA A 499 0.54 0.14 31.87
N LEU A 500 -0.14 -0.12 30.75
CA LEU A 500 0.06 0.61 29.47
C LEU A 500 -0.63 1.98 29.54
N THR A 501 -1.85 2.08 30.05
CA THR A 501 -2.55 3.39 30.17
C THR A 501 -1.76 4.25 31.16
N LYS A 502 -1.19 3.65 32.20
CA LYS A 502 -0.34 4.40 33.17
C LYS A 502 0.89 4.94 32.45
N LEU A 503 1.54 4.13 31.61
CA LEU A 503 2.77 4.52 30.85
C LEU A 503 2.51 5.77 30.00
N ARG A 504 1.27 5.95 29.50
CA ARG A 504 0.91 7.09 28.60
C ARG A 504 1.05 8.44 29.31
N LYS A 505 1.11 8.45 30.65
CA LYS A 505 1.38 9.68 31.43
C LYS A 505 2.82 10.18 31.21
N GLN A 506 3.73 9.31 30.78
CA GLN A 506 5.17 9.64 30.59
C GLN A 506 5.33 10.54 29.36
N ALA A 507 6.16 11.59 29.48
CA ALA A 507 6.46 12.56 28.40
C ALA A 507 6.93 11.83 27.14
N THR A 508 7.69 10.74 27.27
CA THR A 508 8.19 9.99 26.09
C THR A 508 7.00 9.55 25.22
N LEU A 509 5.86 9.15 25.82
CA LEU A 509 4.69 8.66 25.04
C LEU A 509 3.85 9.83 24.52
N SER A 510 3.72 10.92 25.29
CA SER A 510 2.91 12.11 24.90
C SER A 510 3.65 12.96 23.87
N HIS A 511 4.98 13.06 23.96
CA HIS A 511 5.78 14.05 23.19
C HIS A 511 6.93 13.41 22.42
N GLY A 512 7.20 12.12 22.61
CA GLY A 512 8.40 11.49 22.04
C GLY A 512 8.27 11.27 20.54
N GLU A 513 9.40 11.16 19.87
CA GLU A 513 9.46 10.65 18.48
C GLU A 513 9.10 9.16 18.46
N TYR A 514 8.96 8.61 17.26
CA TYR A 514 8.74 7.18 17.03
C TYR A 514 9.70 6.72 15.94
N ASP A 515 10.14 5.49 16.06
CA ASP A 515 10.91 4.77 15.03
C ASP A 515 10.34 3.35 14.98
N ILE A 516 9.96 2.89 13.79
CA ILE A 516 9.34 1.54 13.61
C ILE A 516 9.98 0.87 12.40
N ARG A 517 10.50 -0.34 12.60
CA ARG A 517 11.02 -1.21 11.51
C ARG A 517 10.86 -2.67 11.90
N ALA A 518 10.81 -3.54 10.89
CA ALA A 518 10.84 -5.01 11.05
C ALA A 518 12.30 -5.44 11.21
N LEU A 519 12.57 -6.32 12.16
CA LEU A 519 13.89 -6.99 12.34
C LEU A 519 13.94 -8.28 11.50
N SER A 520 12.78 -8.82 11.16
CA SER A 520 12.61 -10.11 10.45
C SER A 520 11.17 -10.16 9.91
N ASP A 521 10.81 -11.25 9.23
CA ASP A 521 9.41 -11.49 8.81
C ASP A 521 8.53 -11.67 10.06
N ARG A 522 9.12 -11.93 11.24
CA ARG A 522 8.37 -12.34 12.46
C ARG A 522 8.25 -11.21 13.48
N THR A 523 9.31 -10.41 13.65
CA THR A 523 9.46 -9.48 14.78
C THR A 523 9.68 -8.05 14.26
N PHE A 524 8.99 -7.08 14.88
CA PHE A 524 9.27 -5.64 14.64
C PHE A 524 9.50 -4.96 15.97
N TYR A 525 10.11 -3.78 15.89
CA TYR A 525 10.27 -2.87 17.04
C TYR A 525 9.51 -1.58 16.79
N LEU A 526 9.11 -0.95 17.89
CA LEU A 526 8.60 0.44 17.93
C LEU A 526 9.30 1.12 19.09
N VAL A 527 10.08 2.15 18.78
CA VAL A 527 10.86 2.92 19.79
C VAL A 527 10.21 4.29 19.94
N ARG A 528 9.79 4.63 21.16
CA ARG A 528 9.45 6.01 21.54
C ARG A 528 10.65 6.57 22.32
N SER A 529 11.18 7.70 21.85
CA SER A 529 12.38 8.35 22.43
C SER A 529 12.14 9.86 22.55
N LEU A 530 12.80 10.49 23.53
CA LEU A 530 12.72 11.95 23.80
C LEU A 530 13.97 12.30 24.61
N PRO A 531 14.89 13.13 24.08
CA PRO A 531 16.10 13.47 24.81
C PRO A 531 15.79 13.86 26.27
N THR A 532 16.51 13.23 27.21
CA THR A 532 16.49 13.49 28.68
C THR A 532 15.37 12.70 29.38
N HIS A 533 14.50 12.01 28.63
CA HIS A 533 13.43 11.14 29.19
C HIS A 533 13.72 9.69 28.84
N ASP A 534 13.12 8.76 29.60
CA ASP A 534 13.33 7.30 29.40
C ASP A 534 12.89 6.92 27.97
N THR A 535 13.59 5.94 27.40
CA THR A 535 13.25 5.32 26.09
C THR A 535 12.34 4.12 26.36
N TYR A 536 11.27 3.98 25.57
CA TYR A 536 10.37 2.79 25.62
C TYR A 536 10.43 2.07 24.27
N VAL A 537 10.57 0.76 24.32
CA VAL A 537 10.75 -0.10 23.12
C VAL A 537 9.76 -1.26 23.20
N LEU A 538 8.88 -1.37 22.21
CA LEU A 538 8.07 -2.58 21.93
C LEU A 538 8.89 -3.48 21.03
N LEU A 539 9.00 -4.76 21.41
CA LEU A 539 9.44 -5.86 20.53
C LEU A 539 8.30 -6.87 20.46
N PHE A 540 7.81 -7.18 19.27
CA PHE A 540 6.62 -8.04 19.06
C PHE A 540 6.92 -9.08 17.99
N ASN A 541 6.90 -10.35 18.38
CA ASN A 541 6.87 -11.51 17.46
C ASN A 541 5.40 -11.78 17.11
N VAL A 542 4.97 -11.40 15.90
CA VAL A 542 3.54 -11.50 15.47
C VAL A 542 3.30 -12.86 14.82
N SER A 543 4.34 -13.69 14.71
CA SER A 543 4.29 -14.98 13.98
C SER A 543 3.88 -16.11 14.93
N GLU A 544 3.71 -17.30 14.36
CA GLU A 544 3.37 -18.55 15.09
C GLU A 544 4.66 -19.34 15.41
N ARG A 545 5.84 -18.77 15.18
CA ARG A 545 7.15 -19.46 15.35
C ARG A 545 8.09 -18.59 16.19
N ARG A 546 8.98 -19.22 16.94
CA ARG A 546 10.05 -18.52 17.71
C ARG A 546 10.92 -17.72 16.74
N ASP A 547 11.48 -16.61 17.22
CA ASP A 547 12.37 -15.72 16.45
C ASP A 547 13.47 -15.20 17.38
N THR A 548 14.70 -15.16 16.86
CA THR A 548 15.88 -14.61 17.57
C THR A 548 16.31 -13.35 16.83
N VAL A 549 16.45 -12.24 17.54
CA VAL A 549 16.83 -10.93 16.93
C VAL A 549 18.02 -10.34 17.68
N ASP A 550 18.75 -9.47 16.99
CA ASP A 550 19.90 -8.71 17.51
C ASP A 550 19.40 -7.34 17.96
N LEU A 551 19.32 -7.10 19.27
CA LEU A 551 18.84 -5.83 19.86
C LEU A 551 19.79 -4.66 19.53
N GLY A 552 21.02 -4.95 19.09
CA GLY A 552 21.97 -3.91 18.63
C GLY A 552 21.44 -3.15 17.42
N ARG A 553 20.49 -3.74 16.69
CA ARG A 553 19.84 -3.14 15.49
C ARG A 553 18.74 -2.17 15.90
N VAL A 554 18.33 -2.18 17.16
CA VAL A 554 17.23 -1.31 17.64
C VAL A 554 17.82 0.05 18.00
N PRO A 555 17.34 1.15 17.38
CA PRO A 555 17.87 2.48 17.67
C PRO A 555 17.49 2.92 19.09
N HIS A 556 18.40 3.65 19.76
CA HIS A 556 18.16 4.31 21.07
C HIS A 556 17.97 3.29 22.21
N LEU A 557 18.31 2.03 21.99
CA LEU A 557 18.24 0.96 23.04
C LEU A 557 19.66 0.68 23.55
N THR A 558 19.97 1.14 24.75
CA THR A 558 21.21 0.72 25.48
C THR A 558 20.81 -0.34 26.51
N LEU A 559 21.56 -1.43 26.57
CA LEU A 559 21.39 -2.52 27.57
C LEU A 559 22.39 -2.30 28.70
N PRO A 560 22.06 -2.69 29.95
CA PRO A 560 20.82 -3.40 30.26
C PRO A 560 19.56 -2.51 30.26
N ALA A 561 18.40 -3.12 29.98
CA ALA A 561 17.08 -2.46 30.02
C ALA A 561 16.11 -3.36 30.79
N THR A 562 15.00 -2.79 31.26
CA THR A 562 14.05 -3.46 32.20
C THR A 562 12.74 -3.76 31.48
N VAL A 563 12.22 -4.98 31.61
CA VAL A 563 10.88 -5.34 31.07
C VAL A 563 9.86 -4.54 31.90
N TYR A 564 9.07 -3.68 31.25
CA TYR A 564 7.99 -2.90 31.90
C TYR A 564 6.69 -3.73 31.81
N VAL A 565 6.40 -4.30 30.65
CA VAL A 565 5.21 -5.17 30.39
C VAL A 565 5.65 -6.33 29.50
N SER A 566 5.11 -7.52 29.77
CA SER A 566 5.29 -8.73 28.93
C SER A 566 3.94 -9.37 28.68
N SER A 567 3.79 -9.99 27.51
CA SER A 567 2.65 -10.90 27.19
C SER A 567 2.48 -11.89 28.35
N ILE A 568 1.24 -12.31 28.62
CA ILE A 568 0.95 -13.22 29.78
C ILE A 568 1.70 -14.56 29.62
N HIS A 569 2.07 -14.97 28.41
CA HIS A 569 2.75 -16.26 28.14
C HIS A 569 4.27 -16.09 28.07
N SER A 570 4.80 -14.87 28.23
CA SER A 570 6.25 -14.58 28.21
C SER A 570 6.93 -15.24 29.42
N ALA A 571 8.10 -15.84 29.22
CA ALA A 571 9.01 -16.30 30.31
C ALA A 571 9.50 -15.10 31.13
N ARG A 572 9.46 -13.88 30.58
CA ARG A 572 9.98 -12.67 31.26
C ARG A 572 8.84 -12.05 32.06
N LEU A 573 9.09 -11.75 33.33
CA LEU A 573 8.15 -10.99 34.20
C LEU A 573 8.55 -9.52 34.15
N ALA A 574 7.62 -8.61 34.43
CA ALA A 574 7.91 -7.19 34.68
C ALA A 574 9.06 -7.11 35.70
N GLY A 575 10.04 -6.26 35.47
CA GLY A 575 11.22 -6.11 36.36
C GLY A 575 12.40 -6.97 35.90
N HIS A 576 12.18 -7.95 35.01
CA HIS A 576 13.25 -8.74 34.35
C HIS A 576 14.21 -7.78 33.65
N GLU A 577 15.52 -8.04 33.77
CA GLU A 577 16.60 -7.21 33.18
C GLU A 577 17.05 -7.91 31.89
N ILE A 578 16.98 -7.21 30.76
CA ILE A 578 17.51 -7.68 29.45
C ILE A 578 18.98 -7.23 29.40
N THR A 579 19.92 -8.18 29.33
CA THR A 579 21.39 -7.88 29.37
C THR A 579 22.05 -8.29 28.06
N SER A 580 21.62 -9.40 27.46
CA SER A 580 22.17 -9.95 26.20
C SER A 580 21.56 -9.19 25.01
N SER A 581 22.38 -8.87 24.00
CA SER A 581 21.90 -8.25 22.75
C SER A 581 21.17 -9.30 21.88
N GLN A 582 21.32 -10.60 22.16
CA GLN A 582 20.57 -11.69 21.47
C GLN A 582 19.28 -11.97 22.26
N LEU A 583 18.12 -11.78 21.63
CA LEU A 583 16.78 -11.98 22.27
C LEU A 583 15.94 -12.96 21.45
N SER A 584 15.53 -14.07 22.07
CA SER A 584 14.56 -15.04 21.50
C SER A 584 13.16 -14.70 22.00
N LEU A 585 12.22 -14.50 21.08
CA LEU A 585 10.78 -14.26 21.36
C LEU A 585 9.97 -15.46 20.87
N GLU A 586 9.09 -15.99 21.72
CA GLU A 586 8.16 -17.08 21.35
C GLU A 586 7.04 -16.47 20.50
N ALA A 587 6.33 -17.30 19.73
CA ALA A 587 5.11 -16.93 18.97
C ALA A 587 4.25 -15.97 19.79
N GLY A 588 3.96 -14.78 19.26
CA GLY A 588 3.02 -13.81 19.84
C GLY A 588 3.61 -13.03 21.01
N GLU A 589 4.84 -13.33 21.42
CA GLU A 589 5.44 -12.68 22.61
C GLU A 589 5.73 -11.21 22.30
N ALA A 590 5.30 -10.34 23.19
CA ALA A 590 5.58 -8.89 23.14
C ALA A 590 6.20 -8.46 24.47
N LEU A 591 7.23 -7.62 24.39
CA LEU A 591 7.86 -6.95 25.56
C LEU A 591 7.81 -5.45 25.32
N VAL A 592 7.49 -4.68 26.35
CA VAL A 592 7.90 -3.25 26.45
C VAL A 592 9.15 -3.20 27.33
N LEU A 593 10.25 -2.67 26.80
CA LEU A 593 11.49 -2.40 27.56
C LEU A 593 11.55 -0.91 27.91
N LYS A 594 11.92 -0.63 29.17
CA LYS A 594 12.29 0.73 29.65
C LYS A 594 13.81 0.84 29.61
N ALA A 595 14.34 1.83 28.90
CA ALA A 595 15.79 2.02 28.71
C ALA A 595 16.17 3.46 29.04
N GLN A 596 17.46 3.69 29.28
CA GLN A 596 17.98 5.00 29.74
C GLN A 596 17.63 6.05 28.68
N PRO A 597 17.47 7.34 29.10
CA PRO A 597 17.27 8.43 28.14
C PRO A 597 18.35 8.50 27.07
N ILE A 598 17.99 9.04 25.90
CA ILE A 598 18.96 9.52 24.87
C ILE A 598 19.24 11.01 25.13
N PRO B 29 36.46 14.06 16.40
CA PRO B 29 36.88 12.64 16.21
C PRO B 29 37.19 12.32 14.74
N PRO B 30 38.30 11.58 14.44
CA PRO B 30 38.63 11.24 13.05
C PRO B 30 37.49 10.41 12.44
N PRO B 31 37.24 10.51 11.11
CA PRO B 31 36.19 9.73 10.48
C PRO B 31 36.42 8.22 10.68
N THR B 32 35.36 7.49 11.01
CA THR B 32 35.40 6.01 11.15
C THR B 32 35.77 5.41 9.78
N GLU B 33 36.42 4.25 9.79
CA GLU B 33 36.72 3.49 8.56
C GLU B 33 35.52 2.60 8.26
N VAL B 34 35.27 2.32 6.98
CA VAL B 34 34.17 1.41 6.55
C VAL B 34 34.80 0.22 5.81
N ILE B 35 34.16 -0.94 5.90
CA ILE B 35 34.60 -2.15 5.14
C ILE B 35 34.10 -2.00 3.70
N GLN B 36 34.99 -2.15 2.72
CA GLN B 36 34.70 -2.17 1.25
C GLN B 36 33.53 -3.12 0.96
N LEU B 37 32.52 -2.66 0.23
CA LEU B 37 31.39 -3.51 -0.23
C LEU B 37 31.80 -4.23 -1.51
N ASP B 38 31.32 -5.47 -1.71
CA ASP B 38 31.41 -6.14 -3.03
C ASP B 38 30.76 -5.19 -4.06
N TRP B 39 31.31 -5.11 -5.27
CA TRP B 39 31.01 -4.06 -6.28
C TRP B 39 29.50 -3.94 -6.55
N TRP B 40 28.77 -5.06 -6.50
CA TRP B 40 27.37 -5.15 -6.95
C TRP B 40 26.43 -4.60 -5.88
N LYS B 41 26.92 -4.36 -4.67
CA LYS B 41 26.05 -3.96 -3.54
C LYS B 41 25.76 -2.45 -3.59
N ASN B 42 26.55 -1.65 -4.30
CA ASN B 42 26.31 -0.20 -4.41
C ASN B 42 26.73 0.34 -5.78
N CYS B 43 26.72 -0.49 -6.82
CA CYS B 43 27.09 -0.04 -8.18
C CYS B 43 26.02 0.94 -8.70
N VAL B 44 26.44 1.85 -9.57
CA VAL B 44 25.57 2.54 -10.55
C VAL B 44 25.49 1.61 -11.77
N LEU B 45 24.30 1.07 -12.03
CA LEU B 45 24.05 0.12 -13.14
C LEU B 45 23.27 0.85 -14.23
N TYR B 46 23.81 0.87 -15.44
CA TYR B 46 23.25 1.58 -16.61
C TYR B 46 22.77 0.53 -17.62
N GLN B 47 21.49 0.62 -17.98
CA GLN B 47 20.92 -0.20 -19.07
C GLN B 47 21.18 0.47 -20.42
N ILE B 48 21.97 -0.20 -21.25
CA ILE B 48 22.13 0.12 -22.69
C ILE B 48 21.05 -0.63 -23.47
N TYR B 49 20.39 0.08 -24.40
CA TYR B 49 19.56 -0.52 -25.47
C TYR B 49 20.39 -0.42 -26.75
N PRO B 50 21.14 -1.47 -27.12
CA PRO B 50 22.16 -1.34 -28.17
C PRO B 50 21.65 -0.78 -29.51
N ARG B 51 20.44 -1.15 -29.91
CA ARG B 51 19.84 -0.71 -31.20
C ARG B 51 19.78 0.81 -31.25
N SER B 52 19.78 1.51 -30.10
CA SER B 52 19.50 2.97 -30.02
C SER B 52 20.63 3.76 -29.35
N PHE B 53 21.76 3.13 -29.01
CA PHE B 53 22.86 3.80 -28.26
C PHE B 53 23.77 4.53 -29.26
N LYS B 54 24.48 3.82 -30.12
CA LYS B 54 25.44 4.47 -31.06
C LYS B 54 25.59 3.59 -32.31
N ASP B 55 25.33 4.19 -33.47
CA ASP B 55 25.47 3.56 -34.80
C ASP B 55 26.84 3.98 -35.34
N SER B 56 27.74 3.02 -35.52
CA SER B 56 29.13 3.26 -35.97
C SER B 56 29.24 3.15 -37.49
N ASP B 57 28.24 2.57 -38.19
CA ASP B 57 28.44 2.16 -39.60
C ASP B 57 27.35 2.71 -40.53
N GLY B 58 26.52 3.66 -40.08
CA GLY B 58 25.67 4.46 -40.99
C GLY B 58 24.44 3.73 -41.50
N ASP B 59 24.05 2.60 -40.90
CA ASP B 59 22.83 1.86 -41.31
C ASP B 59 21.61 2.33 -40.48
N GLY B 60 21.78 3.26 -39.54
CA GLY B 60 20.68 3.80 -38.71
C GLY B 60 20.34 2.88 -37.55
N ILE B 61 21.22 1.91 -37.28
CA ILE B 61 21.03 0.84 -36.26
C ILE B 61 22.23 0.86 -35.31
N GLY B 62 21.97 1.02 -34.00
CA GLY B 62 23.03 0.96 -32.97
C GLY B 62 23.78 -0.36 -33.01
N ASP B 63 25.04 -0.37 -32.62
CA ASP B 63 25.88 -1.58 -32.79
C ASP B 63 27.00 -1.59 -31.76
N LEU B 64 27.69 -2.73 -31.68
CA LEU B 64 28.74 -3.02 -30.66
C LEU B 64 29.93 -2.08 -30.84
N LYS B 65 30.37 -1.85 -32.09
CA LYS B 65 31.47 -0.88 -32.36
C LYS B 65 31.06 0.51 -31.86
N GLY B 66 29.78 0.86 -32.00
CA GLY B 66 29.25 2.12 -31.45
C GLY B 66 29.40 2.17 -29.95
N ILE B 67 28.94 1.13 -29.24
CA ILE B 67 29.10 1.04 -27.76
C ILE B 67 30.59 1.16 -27.41
N ILE B 68 31.46 0.38 -28.05
CA ILE B 68 32.93 0.42 -27.76
C ILE B 68 33.42 1.88 -27.86
N SER B 69 33.01 2.61 -28.89
CA SER B 69 33.51 3.98 -29.19
C SER B 69 33.10 4.93 -28.06
N GLU B 70 32.09 4.57 -27.25
CA GLU B 70 31.57 5.45 -26.18
C GLU B 70 31.62 4.80 -24.79
N LEU B 71 32.45 3.78 -24.56
CA LEU B 71 32.62 3.20 -23.20
C LEU B 71 33.13 4.30 -22.26
N LYS B 72 33.91 5.25 -22.76
CA LYS B 72 34.41 6.40 -21.98
C LYS B 72 33.23 7.19 -21.36
N HIS B 73 32.05 7.19 -21.99
CA HIS B 73 30.86 7.92 -21.46
C HIS B 73 30.51 7.40 -20.05
N PHE B 74 30.59 6.09 -19.84
CA PHE B 74 30.22 5.45 -18.55
C PHE B 74 31.21 5.91 -17.47
N VAL B 75 32.50 5.97 -17.80
CA VAL B 75 33.54 6.45 -16.85
C VAL B 75 33.23 7.92 -16.54
N ASP B 76 32.94 8.71 -17.56
CA ASP B 76 32.66 10.17 -17.41
C ASP B 76 31.41 10.38 -16.54
N ALA B 77 30.40 9.51 -16.66
CA ALA B 77 29.10 9.63 -15.96
C ALA B 77 29.20 9.13 -14.52
N GLY B 78 30.21 8.31 -14.20
CA GLY B 78 30.38 7.63 -12.91
C GLY B 78 29.51 6.38 -12.82
N VAL B 79 29.26 5.73 -13.96
CA VAL B 79 28.61 4.40 -14.04
C VAL B 79 29.66 3.32 -13.73
N ASP B 80 29.29 2.33 -12.91
CA ASP B 80 30.19 1.21 -12.50
C ASP B 80 29.97 -0.03 -13.38
N ALA B 81 28.73 -0.24 -13.83
CA ALA B 81 28.34 -1.46 -14.54
C ALA B 81 27.32 -1.13 -15.63
N ILE B 82 27.46 -1.77 -16.78
CA ILE B 82 26.49 -1.65 -17.89
C ILE B 82 25.83 -3.02 -18.08
N TRP B 83 24.54 -3.03 -18.37
CA TRP B 83 23.93 -4.24 -18.95
C TRP B 83 23.29 -3.87 -20.28
N MET B 84 23.45 -4.76 -21.25
CA MET B 84 22.90 -4.55 -22.60
C MET B 84 21.62 -5.37 -22.74
N SER B 85 20.60 -4.78 -23.34
CA SER B 85 19.46 -5.54 -23.88
C SER B 85 20.00 -6.56 -24.89
N PRO B 86 19.18 -7.52 -25.33
CA PRO B 86 19.71 -8.69 -26.05
C PRO B 86 20.48 -8.34 -27.34
N ILE B 87 21.61 -9.00 -27.51
CA ILE B 87 22.53 -8.81 -28.67
C ILE B 87 22.80 -10.15 -29.35
N PHE B 88 22.04 -11.20 -29.03
CA PHE B 88 22.23 -12.55 -29.62
C PHE B 88 21.45 -12.66 -30.93
N GLU B 89 21.85 -13.62 -31.76
CA GLU B 89 21.22 -13.88 -33.09
C GLU B 89 19.70 -14.00 -32.91
N SER B 90 18.94 -13.26 -33.70
CA SER B 90 17.50 -12.99 -33.48
C SER B 90 16.86 -12.50 -34.77
N PRO B 91 15.71 -13.06 -35.19
CA PRO B 91 14.93 -12.50 -36.29
C PRO B 91 14.37 -11.10 -36.04
N MET B 92 14.52 -10.56 -34.82
CA MET B 92 14.20 -9.17 -34.41
C MET B 92 12.68 -8.93 -34.36
N VAL B 93 11.88 -9.99 -34.27
CA VAL B 93 10.40 -9.82 -34.15
C VAL B 93 10.11 -9.00 -32.88
N ASP B 94 10.81 -9.29 -31.77
CA ASP B 94 10.69 -8.54 -30.49
C ASP B 94 12.06 -7.89 -30.21
N PHE B 95 12.72 -7.42 -31.27
CA PHE B 95 13.98 -6.66 -31.24
C PHE B 95 14.94 -7.31 -30.22
N GLY B 96 15.18 -8.61 -30.39
CA GLY B 96 16.26 -9.35 -29.69
C GLY B 96 15.73 -10.29 -28.62
N TYR B 97 14.49 -10.15 -28.17
CA TYR B 97 13.92 -11.04 -27.12
C TYR B 97 13.39 -12.32 -27.75
N ASP B 98 13.46 -12.43 -29.09
CA ASP B 98 13.18 -13.67 -29.87
C ASP B 98 14.53 -14.16 -30.39
N ILE B 99 15.19 -15.06 -29.65
CA ILE B 99 16.60 -15.47 -29.93
C ILE B 99 16.60 -16.81 -30.68
N SER B 100 17.29 -16.83 -31.83
CA SER B 100 17.43 -18.01 -32.71
C SER B 100 18.75 -18.74 -32.44
N ASN B 101 19.73 -18.09 -31.82
CA ASN B 101 21.00 -18.75 -31.42
C ASN B 101 21.53 -18.02 -30.19
N PHE B 102 21.46 -18.69 -29.04
CA PHE B 102 21.89 -18.11 -27.74
C PHE B 102 23.42 -18.05 -27.64
N TYR B 103 24.19 -18.55 -28.61
CA TYR B 103 25.67 -18.69 -28.53
C TYR B 103 26.38 -17.76 -29.52
N ASP B 104 25.66 -16.86 -30.20
CA ASP B 104 26.32 -15.95 -31.18
C ASP B 104 25.63 -14.59 -31.21
N ILE B 105 26.33 -13.62 -31.82
CA ILE B 105 25.95 -12.18 -31.83
C ILE B 105 25.08 -11.90 -33.05
N HIS B 106 24.05 -11.08 -32.87
CA HIS B 106 23.17 -10.56 -33.94
C HIS B 106 24.02 -9.77 -34.94
N TYR B 107 23.97 -10.16 -36.23
CA TYR B 107 24.87 -9.63 -37.29
C TYR B 107 24.76 -8.11 -37.40
N GLU B 108 23.56 -7.52 -37.20
CA GLU B 108 23.38 -6.05 -37.33
C GLU B 108 24.19 -5.35 -36.22
N TYR B 109 24.39 -5.98 -35.06
CA TYR B 109 25.14 -5.36 -33.94
C TYR B 109 26.64 -5.64 -34.09
N GLY B 110 27.02 -6.73 -34.76
CA GLY B 110 28.43 -7.05 -34.98
C GLY B 110 28.70 -8.55 -34.90
N THR B 111 29.94 -8.89 -34.53
CA THR B 111 30.48 -10.27 -34.49
C THR B 111 30.87 -10.63 -33.06
N MET B 112 31.12 -11.92 -32.83
CA MET B 112 31.70 -12.42 -31.56
C MET B 112 32.98 -11.63 -31.26
N GLU B 113 33.82 -11.37 -32.28
CA GLU B 113 35.09 -10.62 -32.10
C GLU B 113 34.80 -9.23 -31.52
N ASP B 114 33.77 -8.54 -32.04
CA ASP B 114 33.35 -7.21 -31.56
C ASP B 114 32.91 -7.32 -30.10
N PHE B 115 32.17 -8.36 -29.75
CA PHE B 115 31.70 -8.57 -28.35
C PHE B 115 32.91 -8.76 -27.42
N GLU B 116 33.89 -9.57 -27.84
CA GLU B 116 35.10 -9.85 -27.02
C GLU B 116 35.93 -8.57 -26.86
N GLU B 117 35.98 -7.73 -27.89
CA GLU B 117 36.66 -6.41 -27.86
C GLU B 117 35.95 -5.49 -26.86
N LEU B 118 34.61 -5.47 -26.89
CA LEU B 118 33.79 -4.69 -25.93
C LEU B 118 34.12 -5.13 -24.50
N LEU B 119 34.12 -6.43 -24.20
CA LEU B 119 34.46 -6.91 -22.83
C LEU B 119 35.87 -6.45 -22.47
N ASP B 120 36.86 -6.62 -23.35
CA ASP B 120 38.28 -6.28 -23.05
CA ASP B 120 38.28 -6.28 -23.05
C ASP B 120 38.38 -4.79 -22.70
N LYS B 121 37.80 -3.92 -23.52
CA LYS B 121 37.95 -2.45 -23.36
C LYS B 121 37.12 -1.96 -22.16
N ALA B 122 35.92 -2.51 -21.94
CA ALA B 122 35.11 -2.18 -20.74
C ALA B 122 35.90 -2.55 -19.48
N HIS B 123 36.42 -3.78 -19.42
CA HIS B 123 37.20 -4.28 -18.26
C HIS B 123 38.44 -3.40 -18.03
N GLU B 124 39.14 -3.02 -19.10
CA GLU B 124 40.33 -2.14 -19.02
C GLU B 124 39.94 -0.80 -18.36
N LEU B 125 38.74 -0.29 -18.61
CA LEU B 125 38.23 0.98 -18.01
C LEU B 125 37.64 0.76 -16.61
N GLY B 126 37.56 -0.48 -16.11
CA GLY B 126 37.07 -0.77 -14.75
C GLY B 126 35.57 -1.07 -14.70
N LEU B 127 34.91 -1.17 -15.85
CA LEU B 127 33.44 -1.38 -15.97
C LEU B 127 33.12 -2.87 -15.86
N LYS B 128 32.00 -3.21 -15.24
CA LYS B 128 31.39 -4.56 -15.31
C LYS B 128 30.41 -4.55 -16.49
N VAL B 129 30.24 -5.71 -17.13
CA VAL B 129 29.35 -5.89 -18.31
C VAL B 129 28.45 -7.09 -18.04
N LEU B 130 27.14 -6.86 -18.02
CA LEU B 130 26.11 -7.91 -17.85
C LEU B 130 25.37 -8.09 -19.18
N LEU B 131 24.92 -9.30 -19.46
CA LEU B 131 24.13 -9.62 -20.67
C LEU B 131 22.67 -9.88 -20.30
N ASP B 132 21.78 -9.72 -21.27
CA ASP B 132 20.34 -10.01 -21.11
C ASP B 132 20.12 -11.48 -21.46
N PHE B 133 19.84 -12.28 -20.44
CA PHE B 133 19.54 -13.72 -20.57
C PHE B 133 18.02 -13.87 -20.64
N VAL B 134 17.55 -14.57 -21.67
CA VAL B 134 16.11 -14.70 -22.02
C VAL B 134 15.72 -16.17 -21.88
N PRO B 135 15.60 -16.71 -20.65
CA PRO B 135 15.38 -18.14 -20.46
C PRO B 135 13.97 -18.66 -20.76
N ASN B 136 12.95 -17.79 -20.73
CA ASN B 136 11.53 -18.23 -20.82
C ASN B 136 11.23 -18.79 -22.21
N HIS B 137 11.84 -18.28 -23.27
CA HIS B 137 11.39 -18.58 -24.65
C HIS B 137 12.54 -18.49 -25.64
N ALA B 138 12.38 -19.16 -26.80
CA ALA B 138 13.29 -19.11 -27.96
C ALA B 138 12.51 -18.69 -29.21
N SER B 139 13.20 -18.07 -30.16
CA SER B 139 12.66 -17.82 -31.51
C SER B 139 12.12 -19.13 -32.10
N ASN B 140 11.03 -19.05 -32.88
CA ASN B 140 10.56 -20.20 -33.70
C ASN B 140 11.54 -20.48 -34.84
N GLU B 141 12.60 -19.68 -35.01
CA GLU B 141 13.65 -19.97 -36.01
C GLU B 141 14.88 -20.56 -35.32
N SER B 142 14.83 -20.81 -34.01
CA SER B 142 15.92 -21.51 -33.26
C SER B 142 16.00 -22.97 -33.73
N GLU B 143 17.20 -23.56 -33.71
CA GLU B 143 17.37 -25.02 -33.94
C GLU B 143 16.55 -25.77 -32.87
N TYR B 144 16.48 -25.29 -31.63
CA TYR B 144 15.67 -25.96 -30.59
C TYR B 144 14.25 -26.17 -31.13
N PHE B 145 13.62 -25.11 -31.64
CA PHE B 145 12.20 -25.17 -32.03
C PHE B 145 12.04 -26.00 -33.30
N ILE B 146 12.87 -25.77 -34.31
CA ILE B 146 12.80 -26.50 -35.60
C ILE B 146 12.85 -28.00 -35.29
N LYS B 147 13.81 -28.41 -34.46
CA LYS B 147 14.04 -29.84 -34.09
C LYS B 147 12.85 -30.34 -33.25
N SER B 148 12.39 -29.53 -32.29
CA SER B 148 11.27 -29.91 -31.40
C SER B 148 9.99 -30.13 -32.23
N GLU B 149 9.68 -29.20 -33.14
CA GLU B 149 8.48 -29.29 -34.01
C GLU B 149 8.58 -30.57 -34.86
N ALA B 150 9.78 -30.94 -35.30
CA ALA B 150 10.05 -32.18 -36.08
C ALA B 150 10.06 -33.43 -35.17
N ARG B 151 9.78 -33.29 -33.86
CA ARG B 151 9.83 -34.37 -32.83
C ARG B 151 11.18 -35.09 -32.86
N GLU B 152 12.27 -34.37 -33.13
CA GLU B 152 13.64 -34.92 -33.10
C GLU B 152 13.92 -35.41 -31.68
N PRO B 153 14.56 -36.60 -31.53
CA PRO B 153 14.94 -37.09 -30.20
C PRO B 153 15.81 -36.07 -29.46
N GLY B 154 15.47 -35.83 -28.20
CA GLY B 154 16.16 -34.86 -27.33
C GLY B 154 15.51 -33.48 -27.37
N TYR B 155 14.64 -33.20 -28.35
CA TYR B 155 14.02 -31.87 -28.55
C TYR B 155 12.49 -31.95 -28.54
N GLU B 156 11.91 -33.15 -28.72
CA GLU B 156 10.43 -33.31 -28.82
C GLU B 156 9.75 -32.54 -27.68
N ASN B 157 10.27 -32.64 -26.45
CA ASN B 157 9.62 -32.13 -25.22
C ASN B 157 10.36 -30.89 -24.69
N PHE B 158 11.07 -30.14 -25.55
CA PHE B 158 11.83 -28.93 -25.15
C PHE B 158 10.86 -27.75 -24.92
N PHE B 159 9.71 -27.74 -25.58
CA PHE B 159 8.68 -26.68 -25.43
C PHE B 159 7.38 -27.30 -24.93
N ILE B 160 6.42 -26.45 -24.60
CA ILE B 160 5.09 -26.85 -24.10
C ILE B 160 4.19 -27.12 -25.31
N TRP B 161 4.00 -28.41 -25.61
CA TRP B 161 3.19 -28.91 -26.74
C TRP B 161 1.93 -29.55 -26.17
N ALA B 162 0.76 -29.25 -26.75
CA ALA B 162 -0.54 -29.71 -26.22
C ALA B 162 -1.49 -30.07 -27.37
N ASP B 163 -2.28 -31.11 -27.15
CA ASP B 163 -3.38 -31.53 -28.06
C ASP B 163 -4.51 -30.53 -27.92
N PRO B 164 -5.39 -30.43 -28.95
CA PRO B 164 -6.56 -29.57 -28.85
C PRO B 164 -7.44 -30.07 -27.68
N LEU B 165 -8.24 -29.19 -27.09
CA LEU B 165 -9.21 -29.60 -26.04
C LEU B 165 -10.33 -30.37 -26.73
N PRO B 166 -10.66 -31.61 -26.29
CA PRO B 166 -11.75 -32.37 -26.91
C PRO B 166 -13.01 -31.49 -27.06
N ASN B 167 -13.62 -31.52 -28.25
CA ASN B 167 -14.87 -30.79 -28.57
C ASN B 167 -15.95 -31.84 -28.88
N PRO B 168 -16.52 -32.53 -27.86
CA PRO B 168 -17.37 -33.69 -28.12
C PRO B 168 -18.62 -33.28 -28.91
N GLU B 169 -19.25 -32.17 -28.49
CA GLU B 169 -20.52 -31.64 -29.05
C GLU B 169 -20.31 -31.17 -30.50
N ASN B 170 -19.10 -30.71 -30.84
CA ASN B 170 -18.81 -30.00 -32.11
C ASN B 170 -17.44 -30.41 -32.63
N PRO B 171 -17.19 -31.71 -32.92
CA PRO B 171 -15.84 -32.21 -33.20
C PRO B 171 -15.17 -31.72 -34.49
N GLY B 172 -15.88 -30.93 -35.31
CA GLY B 172 -15.33 -30.30 -36.53
C GLY B 172 -14.65 -28.97 -36.24
N VAL B 173 -14.80 -28.46 -35.02
CA VAL B 173 -14.13 -27.22 -34.51
C VAL B 173 -13.02 -27.64 -33.54
N ARG B 174 -11.77 -27.40 -33.93
CA ARG B 174 -10.58 -27.54 -33.05
C ARG B 174 -10.60 -26.44 -31.99
N LEU B 175 -10.46 -26.81 -30.72
CA LEU B 175 -10.39 -25.88 -29.56
C LEU B 175 -8.96 -25.84 -29.04
N PRO B 176 -8.45 -24.65 -28.63
CA PRO B 176 -7.12 -24.59 -28.02
C PRO B 176 -7.16 -25.30 -26.67
N PRO B 177 -6.00 -25.70 -26.12
CA PRO B 177 -5.95 -26.44 -24.85
C PRO B 177 -6.61 -25.69 -23.68
N SER B 178 -6.59 -24.35 -23.73
CA SER B 178 -7.13 -23.50 -22.65
C SER B 178 -7.29 -22.07 -23.16
N ASN B 179 -7.86 -21.21 -22.31
CA ASN B 179 -8.27 -19.83 -22.65
C ASN B 179 -7.10 -18.85 -22.45
N TRP B 180 -5.88 -19.37 -22.25
CA TRP B 180 -4.71 -18.53 -21.86
C TRP B 180 -4.47 -17.45 -22.93
N VAL B 181 -4.19 -16.24 -22.47
CA VAL B 181 -3.98 -15.05 -23.33
C VAL B 181 -2.49 -14.65 -23.31
N SER B 182 -1.96 -14.34 -24.49
CA SER B 182 -0.58 -13.83 -24.73
C SER B 182 -0.44 -12.40 -24.19
N GLN B 183 0.74 -12.06 -23.68
CA GLN B 183 1.10 -10.69 -23.23
C GLN B 183 1.00 -9.70 -24.40
N PHE B 184 1.09 -10.18 -25.64
CA PHE B 184 1.04 -9.34 -26.86
C PHE B 184 -0.33 -9.50 -27.54
N GLY B 185 -1.33 -9.99 -26.81
CA GLY B 185 -2.70 -10.17 -27.31
C GLY B 185 -2.89 -11.47 -28.08
N GLY B 186 -4.14 -11.94 -28.15
CA GLY B 186 -4.53 -13.19 -28.82
C GLY B 186 -4.28 -14.39 -27.93
N SER B 187 -4.59 -15.59 -28.42
CA SER B 187 -4.34 -16.86 -27.71
C SER B 187 -2.85 -17.01 -27.44
N ALA B 188 -2.51 -17.55 -26.28
CA ALA B 188 -1.14 -18.00 -25.93
C ALA B 188 -0.85 -19.36 -26.57
N TRP B 189 -1.79 -19.92 -27.36
CA TRP B 189 -1.60 -21.22 -28.05
C TRP B 189 -1.59 -21.02 -29.57
N GLU B 190 -0.53 -21.48 -30.24
CA GLU B 190 -0.39 -21.46 -31.71
C GLU B 190 -0.39 -22.90 -32.23
N TRP B 191 -1.26 -23.18 -33.20
CA TRP B 191 -1.32 -24.48 -33.92
C TRP B 191 -0.07 -24.64 -34.78
N SER B 192 0.58 -25.80 -34.68
CA SER B 192 1.62 -26.28 -35.63
C SER B 192 1.00 -27.33 -36.55
N GLU B 193 0.90 -27.01 -37.84
CA GLU B 193 0.42 -27.98 -38.87
C GLU B 193 1.40 -29.14 -38.92
N LYS B 194 2.71 -28.87 -38.84
CA LYS B 194 3.77 -29.89 -38.98
C LYS B 194 3.58 -30.91 -37.87
N ARG B 195 3.36 -30.45 -36.64
CA ARG B 195 3.31 -31.36 -35.48
C ARG B 195 1.87 -31.76 -35.12
N GLN B 196 0.86 -31.10 -35.68
CA GLN B 196 -0.57 -31.36 -35.35
C GLN B 196 -0.74 -31.24 -33.83
N GLN B 197 -0.08 -30.26 -33.20
CA GLN B 197 -0.32 -29.85 -31.80
C GLN B 197 -0.18 -28.33 -31.70
N TYR B 198 -0.67 -27.76 -30.61
CA TYR B 198 -0.45 -26.36 -30.19
C TYR B 198 0.85 -26.25 -29.39
N TYR B 199 1.59 -25.17 -29.58
CA TYR B 199 2.69 -24.78 -28.66
C TYR B 199 2.28 -23.52 -27.89
N LEU B 200 2.81 -23.39 -26.68
CA LEU B 200 2.56 -22.21 -25.80
C LEU B 200 3.51 -21.07 -26.21
N HIS B 201 2.97 -19.85 -26.29
CA HIS B 201 3.75 -18.60 -26.41
C HIS B 201 3.12 -17.55 -25.50
N GLN B 202 3.73 -17.26 -24.36
CA GLN B 202 3.24 -16.18 -23.44
C GLN B 202 3.54 -14.81 -24.10
N PHE B 203 4.56 -14.73 -24.97
CA PHE B 203 4.90 -13.49 -25.70
C PHE B 203 4.46 -13.66 -27.16
N ALA B 204 5.25 -13.26 -28.16
CA ALA B 204 4.84 -13.29 -29.58
C ALA B 204 4.64 -14.73 -30.03
N ILE B 205 3.86 -14.93 -31.08
CA ILE B 205 3.72 -16.26 -31.74
C ILE B 205 5.12 -16.84 -31.98
N GLN B 206 6.10 -15.98 -32.30
CA GLN B 206 7.47 -16.40 -32.67
C GLN B 206 8.33 -16.67 -31.42
N GLN B 207 7.82 -16.41 -30.22
CA GLN B 207 8.56 -16.64 -28.95
C GLN B 207 7.97 -17.87 -28.25
N VAL B 208 8.64 -19.02 -28.38
CA VAL B 208 8.07 -20.33 -27.94
C VAL B 208 8.57 -20.62 -26.52
N ASP B 209 7.65 -20.86 -25.59
CA ASP B 209 7.96 -21.13 -24.16
C ASP B 209 8.65 -22.49 -24.00
N PHE B 210 9.85 -22.49 -23.40
CA PHE B 210 10.57 -23.72 -23.00
C PHE B 210 9.77 -24.46 -21.93
N ASP B 211 9.92 -25.78 -21.84
CA ASP B 211 9.33 -26.60 -20.74
C ASP B 211 10.33 -26.65 -19.58
N PHE B 212 10.10 -25.88 -18.52
CA PHE B 212 11.03 -25.76 -17.38
C PHE B 212 10.86 -26.93 -16.39
N ARG B 213 10.04 -27.93 -16.72
CA ARG B 213 10.01 -29.23 -15.98
C ARG B 213 10.90 -30.25 -16.69
N ASN B 214 11.51 -29.86 -17.82
CA ASN B 214 12.42 -30.73 -18.60
C ASN B 214 13.84 -30.55 -18.08
N PRO B 215 14.47 -31.58 -17.48
CA PRO B 215 15.86 -31.44 -17.02
C PRO B 215 16.84 -31.03 -18.13
N ALA B 216 16.57 -31.41 -19.38
CA ALA B 216 17.44 -31.10 -20.55
C ALA B 216 17.38 -29.60 -20.85
N VAL B 217 16.21 -28.99 -20.66
CA VAL B 217 16.01 -27.51 -20.81
C VAL B 217 16.81 -26.83 -19.70
N LYS B 218 16.63 -27.25 -18.45
CA LYS B 218 17.35 -26.66 -17.29
C LYS B 218 18.86 -26.76 -17.51
N GLN B 219 19.36 -27.89 -18.01
CA GLN B 219 20.81 -28.03 -18.27
C GLN B 219 21.22 -27.06 -19.39
N GLU B 220 20.40 -26.89 -20.43
CA GLU B 220 20.76 -25.98 -21.55
C GLU B 220 20.91 -24.54 -21.00
N MET B 221 20.09 -24.14 -20.03
CA MET B 221 20.19 -22.77 -19.45
C MET B 221 21.55 -22.61 -18.74
N PHE B 222 22.00 -23.61 -17.98
CA PHE B 222 23.36 -23.60 -17.38
C PHE B 222 24.41 -23.49 -18.50
N ASN B 223 24.27 -24.27 -19.56
CA ASN B 223 25.22 -24.29 -20.70
C ASN B 223 25.33 -22.88 -21.30
N ILE B 224 24.20 -22.19 -21.48
CA ILE B 224 24.18 -20.82 -22.08
C ILE B 224 24.89 -19.86 -21.12
N MET B 225 24.53 -19.88 -19.84
CA MET B 225 25.13 -18.94 -18.86
C MET B 225 26.64 -19.22 -18.76
N LYS B 226 27.04 -20.49 -18.68
CA LYS B 226 28.47 -20.85 -18.54
C LYS B 226 29.23 -20.31 -19.75
N PHE B 227 28.65 -20.45 -20.95
CA PHE B 227 29.30 -20.02 -22.22
C PHE B 227 29.70 -18.54 -22.11
N TRP B 228 28.76 -17.69 -21.69
CA TRP B 228 28.96 -16.22 -21.68
C TRP B 228 29.79 -15.81 -20.47
N LEU B 229 29.68 -16.50 -19.33
CA LEU B 229 30.59 -16.24 -18.19
C LEU B 229 32.02 -16.61 -18.61
N ASP B 230 32.20 -17.72 -19.33
CA ASP B 230 33.54 -18.14 -19.81
C ASP B 230 34.11 -17.07 -20.76
N LYS B 231 33.28 -16.41 -21.56
CA LYS B 231 33.69 -15.29 -22.43
C LYS B 231 34.14 -14.08 -21.59
N GLY B 232 33.65 -13.94 -20.36
CA GLY B 232 34.08 -12.89 -19.42
C GLY B 232 32.94 -11.97 -18.97
N ALA B 233 31.69 -12.30 -19.27
CA ALA B 233 30.53 -11.53 -18.77
C ALA B 233 30.57 -11.51 -17.24
N ASP B 234 30.14 -10.40 -16.63
CA ASP B 234 30.15 -10.24 -15.16
C ASP B 234 28.79 -10.62 -14.57
N GLY B 235 27.85 -11.08 -15.41
CA GLY B 235 26.56 -11.56 -14.94
C GLY B 235 25.45 -11.32 -15.94
N PHE B 236 24.21 -11.47 -15.48
CA PHE B 236 23.02 -11.43 -16.35
C PHE B 236 21.88 -10.67 -15.68
N ARG B 237 21.10 -10.00 -16.52
CA ARG B 237 19.68 -9.69 -16.26
C ARG B 237 18.88 -10.90 -16.69
N LEU B 238 17.97 -11.36 -15.85
CA LEU B 238 17.12 -12.55 -16.09
C LEU B 238 15.72 -12.10 -16.53
N ASP B 239 15.39 -12.32 -17.79
CA ASP B 239 14.18 -11.79 -18.45
C ASP B 239 12.92 -12.59 -18.05
N ALA B 240 11.83 -11.88 -17.70
CA ALA B 240 10.44 -12.39 -17.73
C ALA B 240 10.23 -13.61 -16.84
N LEU B 241 10.85 -13.63 -15.67
CA LEU B 241 10.84 -14.84 -14.81
C LEU B 241 9.46 -15.18 -14.29
N PRO B 242 8.51 -14.25 -14.04
CA PRO B 242 7.18 -14.66 -13.56
C PRO B 242 6.48 -15.66 -14.50
N TYR B 243 6.88 -15.75 -15.78
CA TYR B 243 6.19 -16.57 -16.82
C TYR B 243 6.88 -17.92 -17.04
N LEU B 244 7.89 -18.29 -16.23
CA LEU B 244 8.72 -19.50 -16.51
C LEU B 244 7.82 -20.73 -16.55
N ILE B 245 7.03 -20.94 -15.51
CA ILE B 245 6.29 -22.22 -15.35
C ILE B 245 4.78 -21.96 -15.31
N GLU B 246 4.04 -22.88 -15.91
CA GLU B 246 2.55 -22.87 -15.99
C GLU B 246 2.05 -24.18 -15.37
N ALA B 247 0.75 -24.23 -15.06
CA ALA B 247 0.12 -25.42 -14.45
C ALA B 247 0.51 -26.68 -15.25
N ASP B 248 0.82 -27.76 -14.53
CA ASP B 248 1.04 -29.10 -15.11
C ASP B 248 -0.33 -29.74 -15.36
N PRO B 249 -0.65 -30.18 -16.60
CA PRO B 249 -1.94 -30.81 -16.85
C PRO B 249 -2.16 -32.09 -16.01
N ALA B 250 -1.10 -32.71 -15.51
CA ALA B 250 -1.17 -33.90 -14.62
C ALA B 250 -1.90 -33.52 -13.32
N ASP B 251 -1.92 -32.23 -12.97
CA ASP B 251 -2.58 -31.76 -11.72
C ASP B 251 -4.04 -31.36 -11.99
N HIS B 252 -4.50 -31.40 -13.26
CA HIS B 252 -5.85 -30.94 -13.68
C HIS B 252 -6.51 -32.01 -14.57
N GLU B 253 -6.31 -33.28 -14.23
CA GLU B 253 -6.94 -34.45 -14.91
C GLU B 253 -6.58 -34.45 -16.39
N GLY B 254 -5.31 -34.15 -16.72
CA GLY B 254 -4.75 -34.32 -18.07
C GLY B 254 -5.09 -33.18 -19.02
N ARG B 255 -5.61 -32.06 -18.53
CA ARG B 255 -5.85 -30.85 -19.36
C ARG B 255 -5.18 -29.62 -18.73
N TYR B 256 -4.84 -28.65 -19.56
CA TYR B 256 -4.38 -27.31 -19.15
C TYR B 256 -5.60 -26.57 -18.62
N PRO B 257 -5.60 -26.15 -17.33
CA PRO B 257 -6.77 -25.50 -16.76
C PRO B 257 -6.93 -24.06 -17.29
N ASP B 258 -8.17 -23.63 -17.51
CA ASP B 258 -8.46 -22.23 -17.92
C ASP B 258 -8.00 -21.29 -16.81
N ASP B 259 -7.39 -20.16 -17.16
CA ASP B 259 -7.17 -19.07 -16.19
C ASP B 259 -8.55 -18.52 -15.83
N PRO B 260 -8.76 -18.08 -14.57
CA PRO B 260 -10.01 -17.40 -14.22
C PRO B 260 -10.26 -16.15 -15.08
N LEU B 261 -11.53 -15.82 -15.32
CA LEU B 261 -11.93 -14.60 -16.08
C LEU B 261 -11.83 -13.39 -15.14
N SER B 262 -11.32 -12.26 -15.64
CA SER B 262 -11.26 -10.98 -14.89
C SER B 262 -12.66 -10.41 -14.71
N GLY B 263 -13.51 -10.54 -15.75
CA GLY B 263 -14.89 -10.01 -15.75
C GLY B 263 -14.92 -8.54 -16.13
N LEU B 264 -13.78 -7.95 -16.51
CA LEU B 264 -13.66 -6.52 -16.90
C LEU B 264 -14.21 -6.36 -18.32
N THR B 265 -15.22 -5.52 -18.50
CA THR B 265 -16.04 -5.42 -19.74
C THR B 265 -15.22 -4.83 -20.90
N GLN B 266 -14.12 -4.12 -20.64
CA GLN B 266 -13.33 -3.45 -21.71
C GLN B 266 -12.45 -4.47 -22.46
N PHE B 267 -12.36 -5.73 -21.98
CA PHE B 267 -11.51 -6.79 -22.61
C PHE B 267 -12.38 -7.94 -23.14
N GLU B 268 -12.27 -8.23 -24.43
CA GLU B 268 -12.81 -9.48 -25.06
C GLU B 268 -11.76 -10.60 -24.95
N SER B 269 -12.16 -11.82 -25.31
CA SER B 269 -11.41 -13.08 -25.03
C SER B 269 -10.03 -13.12 -25.70
N HIS B 270 -9.75 -12.25 -26.69
CA HIS B 270 -8.45 -12.17 -27.40
C HIS B 270 -7.58 -11.04 -26.82
N GLN B 271 -8.01 -10.36 -25.76
CA GLN B 271 -7.33 -9.14 -25.27
C GLN B 271 -6.70 -9.38 -23.89
N LEU B 272 -5.42 -9.06 -23.77
CA LEU B 272 -4.73 -9.09 -22.45
C LEU B 272 -5.57 -8.32 -21.44
N GLY B 273 -5.85 -8.95 -20.28
CA GLY B 273 -6.73 -8.43 -19.22
C GLY B 273 -8.00 -9.27 -19.07
N TYR B 274 -8.34 -10.08 -20.08
CA TYR B 274 -9.52 -10.99 -20.10
C TYR B 274 -9.42 -12.04 -18.99
N THR B 275 -8.19 -12.44 -18.66
CA THR B 275 -7.89 -13.53 -17.67
C THR B 275 -7.09 -12.98 -16.49
N ILE B 276 -7.18 -13.68 -15.36
CA ILE B 276 -6.27 -13.55 -14.19
C ILE B 276 -5.28 -14.68 -14.33
N PRO B 277 -3.96 -14.41 -14.42
CA PRO B 277 -2.98 -15.45 -14.74
C PRO B 277 -2.61 -16.37 -13.58
N LEU B 278 -3.61 -17.02 -12.96
CA LEU B 278 -3.43 -17.91 -11.78
C LEU B 278 -2.56 -19.11 -12.15
N TYR B 279 -2.74 -19.65 -13.37
CA TYR B 279 -2.11 -20.92 -13.79
C TYR B 279 -0.95 -20.65 -14.73
N THR B 280 -0.65 -19.38 -15.00
CA THR B 280 0.31 -19.00 -16.05
C THR B 280 1.38 -18.02 -15.53
N LYS B 281 1.30 -17.58 -14.27
CA LYS B 281 2.24 -16.53 -13.77
C LYS B 281 2.48 -16.71 -12.28
N ASP B 282 3.73 -16.50 -11.85
CA ASP B 282 4.15 -16.46 -10.42
C ASP B 282 3.98 -17.83 -9.76
N LEU B 283 4.09 -18.94 -10.51
CA LEU B 283 3.99 -20.29 -9.88
C LEU B 283 5.20 -20.49 -8.96
N ILE B 284 4.95 -21.02 -7.75
CA ILE B 284 6.01 -21.21 -6.73
C ILE B 284 7.19 -22.00 -7.31
N GLU B 285 6.95 -22.91 -8.27
CA GLU B 285 8.00 -23.76 -8.89
C GLU B 285 9.05 -22.89 -9.59
N LEU B 286 8.71 -21.71 -10.12
CA LEU B 286 9.71 -20.90 -10.87
C LEU B 286 10.89 -20.54 -9.96
N TYR B 287 10.65 -20.28 -8.68
CA TYR B 287 11.69 -19.80 -7.73
C TYR B 287 12.74 -20.88 -7.53
N ASP B 288 12.34 -22.16 -7.55
CA ASP B 288 13.28 -23.31 -7.41
C ASP B 288 14.29 -23.26 -8.55
N VAL B 289 13.85 -22.87 -9.75
CA VAL B 289 14.74 -22.70 -10.94
C VAL B 289 15.73 -21.57 -10.63
N VAL B 290 15.26 -20.45 -10.10
CA VAL B 290 16.12 -19.27 -9.77
C VAL B 290 17.14 -19.67 -8.69
N TYR B 291 16.72 -20.39 -7.66
CA TYR B 291 17.62 -20.82 -6.56
C TYR B 291 18.70 -21.74 -7.13
N GLU B 292 18.35 -22.62 -8.09
CA GLU B 292 19.30 -23.51 -8.79
C GLU B 292 20.31 -22.69 -9.63
N TRP B 293 19.84 -21.65 -10.32
CA TRP B 293 20.73 -20.72 -11.05
C TRP B 293 21.71 -20.06 -10.08
N ARG B 294 21.25 -19.60 -8.91
CA ARG B 294 22.14 -18.95 -7.92
C ARG B 294 23.18 -19.96 -7.41
N GLU B 295 22.78 -21.21 -7.19
CA GLU B 295 23.70 -22.29 -6.70
C GLU B 295 24.80 -22.50 -7.76
N PHE B 296 24.41 -22.57 -9.02
CA PHE B 296 25.33 -22.72 -10.19
C PHE B 296 26.31 -21.54 -10.22
N LEU B 297 25.79 -20.32 -10.04
CA LEU B 297 26.57 -19.07 -10.14
C LEU B 297 27.56 -18.96 -8.96
N ASP B 298 27.13 -19.29 -7.75
CA ASP B 298 28.01 -19.34 -6.55
C ASP B 298 29.17 -20.31 -6.80
N GLU B 299 28.90 -21.51 -7.32
CA GLU B 299 29.92 -22.55 -7.62
C GLU B 299 30.87 -22.02 -8.70
N TYR B 300 30.34 -21.36 -9.73
CA TYR B 300 31.16 -20.76 -10.82
C TYR B 300 32.10 -19.72 -10.20
N ASN B 301 31.58 -18.82 -9.37
CA ASN B 301 32.39 -17.77 -8.72
C ASN B 301 33.47 -18.43 -7.86
N LYS B 302 33.10 -19.46 -7.10
CA LYS B 302 34.06 -20.17 -6.22
C LYS B 302 35.19 -20.75 -7.08
N ASN B 303 34.87 -21.30 -8.24
CA ASN B 303 35.84 -22.05 -9.09
C ASN B 303 36.60 -21.12 -10.04
N HIS B 304 36.30 -19.82 -10.07
CA HIS B 304 36.94 -18.88 -11.04
C HIS B 304 37.61 -17.69 -10.33
N GLY B 305 37.16 -17.29 -9.14
CA GLY B 305 37.71 -16.11 -8.46
C GLY B 305 37.40 -14.83 -9.21
N GLY B 306 38.17 -13.78 -8.97
CA GLY B 306 37.98 -12.46 -9.60
C GLY B 306 36.69 -11.82 -9.12
N ASP B 307 36.14 -10.87 -9.87
CA ASP B 307 34.94 -10.09 -9.49
C ASP B 307 33.72 -11.03 -9.42
N THR B 308 32.94 -10.94 -8.35
CA THR B 308 31.69 -11.72 -8.19
C THR B 308 30.84 -11.53 -9.45
N ARG B 309 30.38 -12.64 -10.05
CA ARG B 309 29.42 -12.63 -11.18
C ARG B 309 28.02 -12.68 -10.58
N VAL B 310 27.07 -11.90 -11.10
CA VAL B 310 25.76 -11.66 -10.43
C VAL B 310 24.61 -11.89 -11.38
N VAL B 311 23.41 -12.10 -10.82
CA VAL B 311 22.14 -12.11 -11.58
C VAL B 311 21.16 -11.15 -10.92
N PHE B 312 20.55 -10.31 -11.75
CA PHE B 312 19.47 -9.38 -11.35
C PHE B 312 18.21 -9.81 -12.14
N SER B 313 17.14 -10.18 -11.43
CA SER B 313 15.92 -10.75 -12.04
C SER B 313 14.92 -9.67 -12.44
N GLU B 314 14.26 -9.85 -13.59
CA GLU B 314 13.14 -9.00 -14.06
C GLU B 314 11.82 -9.73 -13.79
N GLY B 315 10.94 -9.06 -13.09
CA GLY B 315 9.58 -9.56 -12.87
C GLY B 315 8.70 -8.47 -12.32
N TYR B 316 7.57 -8.24 -12.96
CA TYR B 316 6.51 -7.34 -12.48
C TYR B 316 5.49 -8.24 -11.78
N ALA B 317 5.39 -8.11 -10.46
CA ALA B 317 4.57 -9.00 -9.60
C ALA B 317 4.29 -8.24 -8.31
N ASN B 318 3.42 -8.79 -7.47
CA ASN B 318 3.12 -8.15 -6.18
C ASN B 318 4.35 -8.25 -5.25
N VAL B 319 4.27 -7.62 -4.10
CA VAL B 319 5.44 -7.50 -3.18
C VAL B 319 5.89 -8.90 -2.74
N SER B 320 4.99 -9.77 -2.28
CA SER B 320 5.36 -11.12 -1.79
C SER B 320 6.13 -11.87 -2.89
N MET B 321 5.57 -11.90 -4.10
CA MET B 321 6.12 -12.69 -5.24
C MET B 321 7.43 -12.05 -5.71
N THR B 322 7.57 -10.73 -5.58
CA THR B 322 8.83 -10.03 -5.93
C THR B 322 9.92 -10.41 -4.91
N MET B 323 9.63 -10.37 -3.62
CA MET B 323 10.68 -10.59 -2.57
C MET B 323 11.16 -12.06 -2.61
N LEU B 324 10.35 -13.00 -3.12
CA LEU B 324 10.75 -14.43 -3.18
C LEU B 324 11.95 -14.61 -4.14
N TYR B 325 12.17 -13.67 -5.07
CA TYR B 325 13.37 -13.70 -5.95
C TYR B 325 14.66 -13.61 -5.12
N TYR B 326 14.66 -12.89 -4.00
CA TYR B 326 15.88 -12.79 -3.15
C TYR B 326 16.19 -14.15 -2.52
N GLY B 327 15.14 -14.88 -2.16
CA GLY B 327 15.25 -16.09 -1.33
C GLY B 327 13.96 -16.33 -0.58
N ASN B 328 13.97 -17.30 0.34
CA ASN B 328 12.72 -17.70 1.04
C ASN B 328 13.06 -17.96 2.51
N GLU B 329 12.03 -18.14 3.34
CA GLU B 329 12.17 -18.27 4.82
C GLU B 329 12.91 -19.56 5.17
N ASP B 330 12.97 -20.55 4.26
CA ASP B 330 13.70 -21.83 4.47
C ASP B 330 15.20 -21.69 4.18
N GLY B 331 15.68 -20.49 3.79
CA GLY B 331 17.12 -20.20 3.59
C GLY B 331 17.58 -20.32 2.14
N ALA B 332 16.71 -20.64 1.19
CA ALA B 332 17.07 -20.64 -0.26
C ALA B 332 17.52 -19.23 -0.63
N ILE B 333 18.50 -19.12 -1.53
CA ILE B 333 19.05 -17.82 -2.00
C ILE B 333 18.86 -17.73 -3.50
N GLY B 334 18.29 -16.61 -3.99
CA GLY B 334 17.96 -16.43 -5.40
C GLY B 334 18.83 -15.35 -6.03
N ALA B 335 18.23 -14.45 -6.79
CA ALA B 335 18.94 -13.37 -7.50
C ALA B 335 19.63 -12.47 -6.47
N HIS B 336 20.78 -11.92 -6.83
CA HIS B 336 21.45 -10.83 -6.06
C HIS B 336 20.43 -9.73 -5.73
N PHE B 337 19.57 -9.37 -6.67
CA PHE B 337 18.28 -8.71 -6.36
C PHE B 337 17.31 -8.88 -7.51
N PRO B 338 15.99 -8.86 -7.20
CA PRO B 338 14.97 -8.60 -8.21
C PRO B 338 14.91 -7.08 -8.43
N PHE B 339 14.71 -6.64 -9.67
CA PHE B 339 14.52 -5.20 -10.00
C PHE B 339 13.30 -4.66 -9.22
N ASN B 340 13.47 -3.46 -8.68
CA ASN B 340 12.42 -2.67 -8.00
C ASN B 340 11.79 -1.72 -9.04
N PHE B 341 10.60 -2.05 -9.52
CA PHE B 341 9.92 -1.24 -10.59
C PHE B 341 8.93 -0.25 -9.99
N ASP B 342 8.98 0.00 -8.68
CA ASP B 342 7.95 0.81 -7.98
C ASP B 342 7.84 2.24 -8.56
N PHE B 343 8.95 2.88 -8.96
CA PHE B 343 8.92 4.23 -9.58
C PHE B 343 8.32 4.19 -11.00
N ILE B 344 8.14 2.99 -11.57
CA ILE B 344 7.43 2.80 -12.86
C ILE B 344 5.96 2.50 -12.59
N THR B 345 5.65 1.58 -11.67
CA THR B 345 4.29 0.99 -11.53
C THR B 345 3.44 1.82 -10.55
N ASP B 346 4.06 2.43 -9.54
CA ASP B 346 3.29 2.94 -8.37
C ASP B 346 3.45 4.45 -8.16
N LEU B 347 4.31 5.12 -8.90
CA LEU B 347 4.50 6.59 -8.78
C LEU B 347 4.49 7.21 -10.18
N SER B 348 4.01 8.44 -10.26
CA SER B 348 3.92 9.21 -11.53
C SER B 348 3.71 10.69 -11.18
N SER B 349 3.48 11.51 -12.19
CA SER B 349 3.09 12.94 -12.02
C SER B 349 1.80 13.05 -11.18
N LYS B 350 1.01 11.98 -11.02
CA LYS B 350 -0.21 12.01 -10.16
C LYS B 350 0.16 11.94 -8.68
N SER B 351 1.41 11.56 -8.36
CA SER B 351 1.86 11.27 -6.98
C SER B 351 2.22 12.56 -6.23
N ASN B 352 1.88 12.64 -4.94
CA ASN B 352 2.33 13.72 -4.05
C ASN B 352 3.48 13.21 -3.18
N ALA B 353 4.01 14.06 -2.29
CA ALA B 353 5.22 13.77 -1.47
C ALA B 353 4.95 12.57 -0.54
N ARG B 354 3.73 12.46 -0.02
CA ARG B 354 3.33 11.37 0.90
C ARG B 354 3.33 10.06 0.13
N ASP B 355 2.93 10.07 -1.15
CA ASP B 355 2.98 8.89 -2.03
C ASP B 355 4.44 8.48 -2.27
N PHE B 356 5.31 9.43 -2.64
CA PHE B 356 6.75 9.15 -2.83
C PHE B 356 7.29 8.42 -1.60
N VAL B 357 7.01 8.95 -0.41
CA VAL B 357 7.57 8.41 0.86
C VAL B 357 7.01 6.99 1.07
N TYR B 358 5.70 6.82 0.92
CA TYR B 358 5.02 5.53 1.25
C TYR B 358 5.51 4.45 0.28
N ILE B 359 5.75 4.79 -0.99
CA ILE B 359 6.21 3.79 -2.01
C ILE B 359 7.71 3.49 -1.78
N ILE B 360 8.54 4.49 -1.53
CA ILE B 360 9.99 4.26 -1.20
C ILE B 360 10.07 3.29 -0.01
N LEU B 361 9.22 3.49 1.00
CA LEU B 361 9.23 2.67 2.24
C LEU B 361 8.81 1.23 1.94
N ARG B 362 8.11 0.96 0.83
CA ARG B 362 7.60 -0.41 0.56
C ARG B 362 8.79 -1.35 0.35
N TRP B 363 9.74 -1.01 -0.53
CA TRP B 363 10.90 -1.89 -0.75
C TRP B 363 11.69 -2.05 0.55
N LEU B 364 11.94 -0.93 1.24
CA LEU B 364 12.81 -0.91 2.44
C LEU B 364 12.13 -1.66 3.60
N THR B 365 10.80 -1.77 3.62
CA THR B 365 10.07 -2.46 4.71
C THR B 365 9.98 -3.96 4.42
N TYR B 366 9.82 -4.37 3.16
CA TYR B 366 9.52 -5.77 2.79
C TYR B 366 10.75 -6.54 2.36
N MET B 367 11.83 -5.88 1.98
CA MET B 367 13.05 -6.56 1.48
C MET B 367 13.61 -7.39 2.64
N PRO B 368 14.09 -8.63 2.40
CA PRO B 368 14.62 -9.44 3.50
C PRO B 368 15.87 -8.80 4.13
N TYR B 369 16.09 -9.09 5.40
CA TYR B 369 17.29 -8.66 6.14
C TYR B 369 18.55 -9.11 5.38
N GLY B 370 19.45 -8.17 5.11
CA GLY B 370 20.69 -8.42 4.35
C GLY B 370 20.51 -8.28 2.86
N GLY B 371 19.28 -8.09 2.36
CA GLY B 371 19.04 -7.82 0.94
C GLY B 371 19.63 -6.49 0.52
N ILE B 372 20.06 -6.37 -0.73
CA ILE B 372 20.52 -5.11 -1.36
C ILE B 372 19.33 -4.47 -2.07
N PRO B 373 18.94 -3.24 -1.67
CA PRO B 373 17.89 -2.51 -2.36
C PRO B 373 18.40 -1.94 -3.70
N ASN B 374 17.47 -1.79 -4.65
CA ASN B 374 17.77 -1.17 -5.96
C ASN B 374 16.58 -0.29 -6.35
N TRP B 375 16.80 0.60 -7.31
CA TRP B 375 15.81 1.65 -7.69
C TRP B 375 15.85 1.80 -9.21
N VAL B 376 14.72 1.51 -9.85
CA VAL B 376 14.58 1.57 -11.33
C VAL B 376 13.57 2.67 -11.67
N PHE B 377 13.98 3.59 -12.53
CA PHE B 377 13.14 4.76 -12.93
C PHE B 377 12.66 4.63 -14.37
N GLY B 378 13.15 3.63 -15.08
CA GLY B 378 12.78 3.42 -16.48
C GLY B 378 13.45 2.20 -17.06
N ASN B 379 13.02 1.86 -18.27
CA ASN B 379 13.58 0.78 -19.11
C ASN B 379 12.95 0.89 -20.50
N HIS B 380 13.37 0.02 -21.41
CA HIS B 380 12.94 0.00 -22.84
C HIS B 380 11.49 -0.47 -23.00
N ASP B 381 10.80 -0.86 -21.92
CA ASP B 381 9.41 -1.39 -21.99
C ASP B 381 8.42 -0.37 -21.44
N ASN B 382 8.90 0.79 -20.98
CA ASN B 382 8.05 1.77 -20.27
C ASN B 382 8.39 3.19 -20.75
N ASN B 383 7.45 4.12 -20.59
CA ASN B 383 7.65 5.52 -20.99
C ASN B 383 8.85 6.06 -20.19
N ARG B 384 9.58 7.00 -20.78
CA ARG B 384 10.78 7.59 -20.15
C ARG B 384 10.39 8.37 -18.89
N MET B 385 11.31 8.40 -17.95
CA MET B 385 11.18 9.01 -16.60
C MET B 385 10.53 10.40 -16.66
N PRO B 386 11.01 11.36 -17.47
CA PRO B 386 10.44 12.71 -17.45
C PRO B 386 9.05 12.84 -18.06
N THR B 387 8.65 11.86 -18.88
CA THR B 387 7.32 11.75 -19.49
C THR B 387 6.35 11.17 -18.46
N ARG B 388 6.74 10.14 -17.70
CA ARG B 388 5.87 9.54 -16.66
C ARG B 388 5.66 10.55 -15.53
N PHE B 389 6.70 11.31 -15.19
CA PHE B 389 6.67 12.37 -14.15
C PHE B 389 6.50 13.71 -14.89
N ARG B 390 7.39 14.66 -14.67
CA ARG B 390 7.36 15.97 -15.37
C ARG B 390 8.78 16.35 -15.76
N HIS B 391 8.92 17.19 -16.77
CA HIS B 391 10.23 17.70 -17.24
C HIS B 391 10.98 18.42 -16.11
N ASP B 392 10.26 19.05 -15.17
CA ASP B 392 10.88 19.88 -14.10
C ASP B 392 11.31 19.02 -12.90
N MET B 393 11.15 17.69 -12.98
CA MET B 393 11.42 16.74 -11.85
C MET B 393 12.66 15.88 -12.13
N VAL B 394 13.32 16.05 -13.26
CA VAL B 394 14.40 15.12 -13.71
C VAL B 394 15.49 15.05 -12.63
N ASP B 395 15.96 16.19 -12.13
CA ASP B 395 17.08 16.22 -11.16
C ASP B 395 16.67 15.54 -9.85
N GLY B 396 15.50 15.88 -9.30
CA GLY B 396 14.99 15.27 -8.06
C GLY B 396 14.91 13.75 -8.18
N LEU B 397 14.42 13.23 -9.30
CA LEU B 397 14.31 11.76 -9.52
C LEU B 397 15.72 11.14 -9.59
N ASN B 398 16.66 11.73 -10.34
CA ASN B 398 18.07 11.24 -10.36
C ASN B 398 18.67 11.32 -8.95
N ILE B 399 18.32 12.35 -8.15
CA ILE B 399 18.87 12.43 -6.77
C ILE B 399 18.31 11.28 -5.92
N ILE B 400 17.00 11.01 -5.98
CA ILE B 400 16.41 9.87 -5.21
C ILE B 400 17.19 8.61 -5.54
N ASN B 401 17.36 8.34 -6.84
CA ASN B 401 18.02 7.13 -7.38
C ASN B 401 19.40 6.98 -6.71
N MET B 402 20.18 8.07 -6.65
CA MET B 402 21.60 8.03 -6.25
C MET B 402 21.74 8.08 -4.72
N LEU B 403 20.80 8.68 -4.00
CA LEU B 403 20.95 8.95 -2.55
C LEU B 403 20.28 7.87 -1.70
N LEU B 404 19.31 7.14 -2.24
CA LEU B 404 18.72 6.03 -1.46
C LEU B 404 19.80 4.97 -1.27
N PRO B 405 19.74 4.16 -0.18
CA PRO B 405 20.71 3.09 0.02
C PRO B 405 20.63 2.06 -1.13
N GLY B 406 21.76 1.46 -1.46
CA GLY B 406 21.86 0.32 -2.37
C GLY B 406 22.26 0.73 -3.77
N VAL B 407 21.62 0.13 -4.77
CA VAL B 407 22.02 0.17 -6.20
C VAL B 407 21.11 1.15 -6.96
N ALA B 408 21.73 2.11 -7.65
CA ALA B 408 21.06 3.00 -8.61
C ALA B 408 21.05 2.35 -9.98
N VAL B 409 19.87 2.29 -10.59
CA VAL B 409 19.72 1.79 -11.98
C VAL B 409 19.30 2.95 -12.87
N THR B 410 20.06 3.17 -13.95
CA THR B 410 19.81 4.24 -14.93
C THR B 410 19.49 3.59 -16.28
N TYR B 411 18.38 3.97 -16.89
CA TYR B 411 18.05 3.61 -18.28
C TYR B 411 18.61 4.68 -19.22
N GLN B 412 19.30 4.23 -20.26
CA GLN B 412 19.84 5.05 -21.38
C GLN B 412 18.96 6.29 -21.59
N GLY B 413 19.54 7.47 -21.37
CA GLY B 413 18.87 8.76 -21.61
C GLY B 413 18.49 9.49 -20.34
N GLU B 414 18.32 8.79 -19.21
CA GLU B 414 17.88 9.44 -17.95
C GLU B 414 18.96 10.41 -17.47
N GLU B 415 20.23 10.18 -17.79
CA GLU B 415 21.37 11.00 -17.32
C GLU B 415 21.33 12.38 -18.01
N ILE B 416 20.57 12.54 -19.09
CA ILE B 416 20.39 13.86 -19.78
C ILE B 416 18.91 14.25 -19.83
N GLY B 417 18.02 13.52 -19.15
CA GLY B 417 16.58 13.85 -19.11
C GLY B 417 15.88 13.68 -20.45
N MET B 418 16.23 12.66 -21.25
CA MET B 418 15.52 12.36 -22.51
C MET B 418 14.03 12.13 -22.24
N ARG B 419 13.20 12.65 -23.13
CA ARG B 419 11.73 12.49 -23.13
C ARG B 419 11.32 11.44 -24.17
N ASP B 420 10.14 10.85 -24.01
CA ASP B 420 9.55 9.98 -25.06
C ASP B 420 9.64 10.72 -26.39
N GLY B 421 10.08 10.04 -27.44
CA GLY B 421 10.05 10.57 -28.81
C GLY B 421 8.70 10.31 -29.45
N TYR B 422 8.22 11.21 -30.32
CA TYR B 422 7.02 10.92 -31.16
C TYR B 422 7.37 9.86 -32.20
N VAL B 423 6.53 8.82 -32.27
CA VAL B 423 6.57 7.74 -33.29
C VAL B 423 5.14 7.60 -33.85
N SER B 424 4.98 7.87 -35.15
CA SER B 424 3.71 7.69 -35.91
C SER B 424 3.37 6.20 -35.99
N TRP B 425 2.11 5.89 -36.30
CA TRP B 425 1.67 4.50 -36.62
C TRP B 425 2.58 3.93 -37.72
N GLU B 426 2.90 4.72 -38.76
CA GLU B 426 3.70 4.26 -39.93
C GLU B 426 5.11 3.88 -39.49
N ASP B 427 5.69 4.59 -38.52
CA ASP B 427 7.09 4.37 -38.05
C ASP B 427 7.14 3.36 -36.88
N THR B 428 5.98 2.89 -36.39
CA THR B 428 5.87 1.97 -35.22
C THR B 428 6.32 0.57 -35.65
N VAL B 429 7.21 -0.07 -34.89
CA VAL B 429 7.74 -1.43 -35.19
C VAL B 429 7.59 -2.36 -33.98
N ASP B 430 7.17 -1.86 -32.83
CA ASP B 430 6.95 -2.69 -31.61
C ASP B 430 5.79 -3.67 -31.87
N ILE B 431 6.09 -4.97 -31.89
CA ILE B 431 5.10 -6.08 -32.05
C ILE B 431 3.94 -5.88 -31.06
N GLU B 432 4.18 -5.41 -29.83
CA GLU B 432 3.09 -5.28 -28.83
C GLU B 432 2.07 -4.26 -29.33
N ALA B 433 2.53 -3.19 -29.99
CA ALA B 433 1.68 -2.12 -30.56
C ALA B 433 0.93 -2.68 -31.77
N CYS B 434 1.66 -3.37 -32.66
CA CYS B 434 1.18 -3.87 -33.98
C CYS B 434 0.16 -4.99 -33.76
N ASN B 435 0.28 -5.74 -32.67
CA ASN B 435 -0.62 -6.88 -32.34
C ASN B 435 -1.84 -6.40 -31.56
N ARG B 436 -1.67 -5.50 -30.59
CA ARG B 436 -2.76 -5.10 -29.65
C ARG B 436 -3.48 -3.84 -30.13
N GLY B 437 -2.90 -3.08 -31.06
CA GLY B 437 -3.38 -1.73 -31.39
C GLY B 437 -3.68 -1.54 -32.87
N ASP B 438 -4.08 -0.32 -33.25
CA ASP B 438 -4.39 0.11 -34.64
C ASP B 438 -3.98 1.58 -34.77
N PRO B 439 -4.05 2.21 -35.95
CA PRO B 439 -3.63 3.61 -36.11
C PRO B 439 -4.17 4.57 -35.03
N ASP B 440 -5.27 4.19 -34.36
CA ASP B 440 -6.02 5.04 -33.40
C ASP B 440 -5.66 4.70 -31.95
N THR B 441 -5.19 3.48 -31.66
CA THR B 441 -4.97 2.97 -30.27
C THR B 441 -3.48 2.70 -29.98
N TYR B 442 -2.63 2.54 -31.02
CA TYR B 442 -1.26 1.99 -30.92
C TYR B 442 -0.48 2.64 -29.77
N HIS B 443 -0.64 3.96 -29.59
CA HIS B 443 0.09 4.78 -28.58
C HIS B 443 -0.13 4.23 -27.16
N LEU B 444 -1.24 3.52 -26.90
CA LEU B 444 -1.56 2.95 -25.57
C LEU B 444 -0.59 1.79 -25.24
N TYR B 445 -0.02 1.15 -26.26
CA TYR B 445 0.71 -0.13 -26.13
C TYR B 445 2.19 0.04 -26.47
N SER B 446 2.54 0.93 -27.40
CA SER B 446 3.87 0.95 -28.04
C SER B 446 4.97 1.29 -27.02
N ARG B 447 6.08 0.57 -27.09
CA ARG B 447 7.29 0.83 -26.26
C ARG B 447 8.29 1.67 -27.08
N ASP B 448 7.98 1.95 -28.34
CA ASP B 448 8.92 2.59 -29.29
C ASP B 448 9.30 3.98 -28.78
N PRO B 449 8.37 4.79 -28.22
CA PRO B 449 8.74 6.13 -27.75
C PRO B 449 9.92 6.18 -26.77
N ALA B 450 10.12 5.10 -26.00
CA ALA B 450 11.23 5.00 -25.02
C ALA B 450 12.49 4.39 -25.64
N ARG B 451 12.43 4.01 -26.93
CA ARG B 451 13.56 3.35 -27.65
C ARG B 451 14.15 4.25 -28.74
N THR B 452 13.76 5.52 -28.81
CA THR B 452 14.28 6.45 -29.86
C THR B 452 15.77 6.67 -29.62
N PRO B 453 16.58 6.90 -30.68
CA PRO B 453 18.04 7.01 -30.55
C PRO B 453 18.52 8.06 -29.54
N TYR B 454 19.62 7.72 -28.87
CA TYR B 454 20.24 8.52 -27.80
C TYR B 454 20.72 9.85 -28.38
N HIS B 455 20.59 10.94 -27.61
CA HIS B 455 20.94 12.31 -28.05
C HIS B 455 22.38 12.66 -27.62
N TRP B 456 23.36 12.32 -28.46
CA TRP B 456 24.79 12.67 -28.22
C TRP B 456 25.03 14.17 -28.40
N ASP B 457 24.47 14.77 -29.43
CA ASP B 457 24.77 16.18 -29.79
C ASP B 457 23.69 16.71 -30.74
N ASN B 458 23.92 17.87 -31.37
CA ASN B 458 22.89 18.55 -32.20
C ASN B 458 23.21 18.34 -33.70
N SER B 459 24.11 17.40 -34.02
CA SER B 459 24.42 16.98 -35.41
C SER B 459 23.28 16.11 -35.98
N THR B 460 23.41 15.73 -37.24
CA THR B 460 22.45 14.82 -37.92
C THR B 460 22.09 13.68 -36.96
N SER B 461 20.79 13.39 -36.81
CA SER B 461 20.27 12.26 -36.02
C SER B 461 20.84 12.31 -34.59
N ALA B 462 21.08 13.53 -34.09
CA ALA B 462 21.58 13.82 -32.72
C ALA B 462 22.90 13.10 -32.43
N GLY B 463 23.70 12.80 -33.46
CA GLY B 463 25.03 12.19 -33.30
C GLY B 463 24.95 10.69 -33.06
N PHE B 464 23.75 10.12 -33.06
CA PHE B 464 23.54 8.66 -32.95
C PHE B 464 24.06 8.00 -34.21
N SER B 465 23.84 8.63 -35.37
CA SER B 465 24.20 8.06 -36.69
C SER B 465 24.60 9.19 -37.64
N THR B 466 25.44 8.86 -38.64
CA THR B 466 25.72 9.75 -39.81
C THR B 466 24.52 9.72 -40.75
N SER B 467 23.63 8.71 -40.64
CA SER B 467 22.43 8.54 -41.50
C SER B 467 21.21 9.23 -40.87
N THR B 468 20.36 9.80 -41.72
CA THR B 468 19.03 10.37 -41.37
C THR B 468 18.00 9.24 -41.18
N ASN B 469 18.23 8.08 -41.78
CA ASN B 469 17.28 6.94 -41.81
C ASN B 469 17.52 6.04 -40.59
N THR B 470 17.21 6.53 -39.39
CA THR B 470 17.37 5.78 -38.12
C THR B 470 16.22 4.79 -37.95
N TRP B 471 16.49 3.65 -37.31
CA TRP B 471 15.55 2.50 -37.22
C TRP B 471 14.24 2.92 -36.55
N LEU B 472 14.31 3.84 -35.58
CA LEU B 472 13.16 4.62 -35.07
C LEU B 472 13.52 6.10 -35.25
N PRO B 473 12.53 6.99 -35.42
CA PRO B 473 12.81 8.41 -35.58
C PRO B 473 13.45 9.01 -34.33
N VAL B 474 14.42 9.91 -34.54
CA VAL B 474 15.05 10.73 -33.48
C VAL B 474 13.98 11.68 -32.95
N ALA B 475 13.86 11.80 -31.63
CA ALA B 475 12.92 12.73 -30.96
C ALA B 475 13.17 14.16 -31.46
N GLU B 476 12.10 14.94 -31.52
CA GLU B 476 12.08 16.29 -32.17
C GLU B 476 12.82 17.29 -31.28
N ASP B 477 13.11 16.95 -30.03
CA ASP B 477 13.69 17.92 -29.05
C ASP B 477 15.21 17.71 -28.90
N TYR B 478 15.87 16.98 -29.80
CA TYR B 478 17.29 16.59 -29.65
C TYR B 478 18.21 17.83 -29.68
N GLN B 479 17.82 18.90 -30.38
CA GLN B 479 18.65 20.13 -30.43
C GLN B 479 18.65 20.81 -29.06
N GLU B 480 17.60 20.59 -28.27
CA GLU B 480 17.44 21.18 -26.91
C GLU B 480 17.99 20.22 -25.85
N ILE B 481 17.81 18.91 -26.04
CA ILE B 481 18.17 17.89 -25.01
C ILE B 481 19.22 16.97 -25.61
N ASN B 482 20.51 17.22 -25.33
CA ASN B 482 21.61 16.37 -25.84
C ASN B 482 22.81 16.47 -24.92
N LEU B 483 23.64 15.43 -24.91
CA LEU B 483 24.77 15.28 -23.97
C LEU B 483 25.80 16.41 -24.17
N ALA B 484 26.21 16.69 -25.41
CA ALA B 484 27.24 17.72 -25.69
C ALA B 484 26.80 19.07 -25.11
N LYS B 485 25.55 19.47 -25.33
CA LYS B 485 24.99 20.73 -24.81
C LYS B 485 25.09 20.73 -23.28
N GLN B 486 24.79 19.61 -22.62
CA GLN B 486 24.77 19.54 -21.14
C GLN B 486 26.22 19.55 -20.60
N LYS B 487 27.20 19.14 -21.39
CA LYS B 487 28.62 19.19 -20.95
C LYS B 487 29.16 20.61 -21.10
N GLU B 488 28.61 21.41 -22.03
CA GLU B 488 29.11 22.78 -22.31
C GLU B 488 28.45 23.79 -21.34
N THR B 489 27.17 23.61 -21.03
CA THR B 489 26.39 24.60 -20.25
C THR B 489 26.73 24.47 -18.76
N ALA B 490 26.64 25.58 -18.00
CA ALA B 490 27.16 25.65 -16.62
C ALA B 490 26.35 24.71 -15.70
N ARG B 491 25.05 24.64 -15.89
CA ARG B 491 24.13 23.76 -15.10
C ARG B 491 23.41 22.81 -16.06
N SER B 492 23.32 21.53 -15.73
CA SER B 492 22.66 20.54 -16.61
C SER B 492 22.30 19.27 -15.82
N HIS B 493 21.38 18.50 -16.39
CA HIS B 493 20.99 17.17 -15.87
C HIS B 493 22.26 16.32 -15.75
N PHE B 494 23.09 16.29 -16.79
CA PHE B 494 24.29 15.42 -16.83
C PHE B 494 25.29 15.84 -15.75
N LYS B 495 25.55 17.14 -15.59
CA LYS B 495 26.49 17.63 -14.55
C LYS B 495 25.97 17.27 -13.16
N ASN B 496 24.66 17.34 -12.95
CA ASN B 496 24.03 16.91 -11.67
C ASN B 496 24.25 15.40 -11.51
N TYR B 497 24.02 14.62 -12.56
CA TYR B 497 24.24 13.15 -12.55
C TYR B 497 25.68 12.84 -12.14
N GLN B 498 26.67 13.49 -12.75
CA GLN B 498 28.10 13.33 -12.41
C GLN B 498 28.36 13.63 -10.93
N ALA B 499 27.84 14.75 -10.41
CA ALA B 499 28.00 15.16 -8.99
C ALA B 499 27.42 14.06 -8.08
N LEU B 500 26.30 13.48 -8.49
CA LEU B 500 25.57 12.48 -7.66
C LEU B 500 26.30 11.13 -7.67
N THR B 501 26.78 10.67 -8.82
CA THR B 501 27.55 9.39 -8.88
C THR B 501 28.85 9.56 -8.10
N LYS B 502 29.48 10.74 -8.19
CA LYS B 502 30.69 11.08 -7.39
C LYS B 502 30.37 10.97 -5.89
N LEU B 503 29.21 11.50 -5.45
CA LEU B 503 28.79 11.56 -4.04
C LEU B 503 28.70 10.13 -3.47
N ARG B 504 28.40 9.14 -4.32
CA ARG B 504 28.18 7.74 -3.84
C ARG B 504 29.49 7.11 -3.34
N LYS B 505 30.64 7.69 -3.67
CA LYS B 505 31.93 7.26 -3.10
C LYS B 505 32.01 7.56 -1.60
N GLN B 506 31.21 8.50 -1.08
CA GLN B 506 31.26 8.91 0.34
C GLN B 506 30.68 7.79 1.21
N ALA B 507 31.33 7.50 2.32
CA ALA B 507 30.90 6.52 3.34
C ALA B 507 29.44 6.79 3.75
N THR B 508 29.03 8.05 3.86
CA THR B 508 27.63 8.35 4.24
C THR B 508 26.64 7.70 3.26
N LEU B 509 26.95 7.60 1.96
CA LEU B 509 26.01 6.98 0.99
C LEU B 509 26.21 5.46 0.90
N SER B 510 27.45 4.96 1.01
CA SER B 510 27.72 3.50 0.93
C SER B 510 27.26 2.78 2.21
N HIS B 511 27.34 3.43 3.37
CA HIS B 511 27.17 2.76 4.70
C HIS B 511 26.19 3.50 5.61
N GLY B 512 25.75 4.71 5.25
CA GLY B 512 24.92 5.57 6.12
C GLY B 512 23.55 4.99 6.38
N GLU B 513 22.96 5.34 7.53
CA GLU B 513 21.52 5.11 7.79
C GLU B 513 20.70 5.98 6.82
N TYR B 514 19.38 5.76 6.78
CA TYR B 514 18.45 6.64 6.02
C TYR B 514 17.28 6.99 6.94
N ASP B 515 16.73 8.18 6.75
CA ASP B 515 15.47 8.65 7.36
C ASP B 515 14.69 9.35 6.26
N ILE B 516 13.42 8.99 6.07
CA ILE B 516 12.58 9.59 5.01
C ILE B 516 11.19 9.88 5.57
N ARG B 517 10.74 11.12 5.45
CA ARG B 517 9.36 11.55 5.80
C ARG B 517 8.93 12.71 4.90
N ALA B 518 7.63 12.86 4.73
CA ALA B 518 7.01 14.00 4.03
C ALA B 518 6.89 15.15 5.02
N LEU B 519 7.28 16.37 4.61
CA LEU B 519 7.07 17.61 5.40
C LEU B 519 5.68 18.19 5.13
N SER B 520 5.11 17.87 3.97
CA SER B 520 3.80 18.39 3.51
C SER B 520 3.29 17.45 2.43
N ASP B 521 2.15 17.77 1.82
CA ASP B 521 1.67 17.01 0.64
C ASP B 521 2.62 17.22 -0.53
N ARG B 522 3.50 18.23 -0.49
CA ARG B 522 4.29 18.66 -1.67
C ARG B 522 5.77 18.28 -1.55
N THR B 523 6.35 18.34 -0.36
CA THR B 523 7.82 18.20 -0.14
C THR B 523 8.12 17.05 0.83
N PHE B 524 9.13 16.22 0.51
CA PHE B 524 9.70 15.24 1.45
C PHE B 524 11.21 15.45 1.56
N TYR B 525 11.76 14.93 2.66
CA TYR B 525 13.22 14.83 2.89
C TYR B 525 13.64 13.37 2.85
N LEU B 526 14.90 13.19 2.48
CA LEU B 526 15.66 11.93 2.64
C LEU B 526 17.01 12.30 3.21
N VAL B 527 17.30 11.84 4.42
CA VAL B 527 18.56 12.09 5.15
C VAL B 527 19.42 10.83 5.15
N ARG B 528 20.64 10.94 4.64
CA ARG B 528 21.69 9.91 4.85
C ARG B 528 22.63 10.44 5.93
N SER B 529 22.84 9.65 6.98
CA SER B 529 23.66 10.05 8.16
C SER B 529 24.53 8.87 8.59
N LEU B 530 25.70 9.19 9.14
CA LEU B 530 26.67 8.20 9.65
C LEU B 530 27.60 8.92 10.61
N PRO B 531 27.68 8.51 11.90
CA PRO B 531 28.50 9.24 12.87
C PRO B 531 29.94 9.46 12.36
N THR B 532 30.43 10.70 12.52
CA THR B 532 31.78 11.20 12.16
C THR B 532 31.88 11.53 10.66
N HIS B 533 30.84 11.26 9.88
CA HIS B 533 30.83 11.53 8.42
C HIS B 533 29.79 12.61 8.08
N ASP B 534 29.98 13.31 6.97
CA ASP B 534 29.06 14.41 6.60
C ASP B 534 27.64 13.86 6.41
N THR B 535 26.66 14.68 6.76
CA THR B 535 25.23 14.37 6.56
C THR B 535 24.79 14.89 5.18
N TYR B 536 24.03 14.10 4.44
CA TYR B 536 23.46 14.53 3.14
C TYR B 536 21.94 14.45 3.20
N VAL B 537 21.30 15.50 2.70
CA VAL B 537 19.83 15.70 2.79
C VAL B 537 19.27 16.07 1.43
N LEU B 538 18.37 15.25 0.90
CA LEU B 538 17.50 15.61 -0.26
C LEU B 538 16.27 16.32 0.30
N LEU B 539 15.93 17.45 -0.30
CA LEU B 539 14.61 18.11 -0.17
C LEU B 539 14.04 18.23 -1.58
N PHE B 540 12.83 17.72 -1.78
CA PHE B 540 12.22 17.60 -3.12
C PHE B 540 10.74 18.00 -3.03
N ASN B 541 10.40 19.07 -3.73
CA ASN B 541 8.99 19.48 -3.97
C ASN B 541 8.54 18.76 -5.25
N VAL B 542 7.75 17.70 -5.11
CA VAL B 542 7.28 16.86 -6.25
C VAL B 542 5.98 17.42 -6.84
N SER B 543 5.45 18.50 -6.24
CA SER B 543 4.13 19.07 -6.61
C SER B 543 4.29 20.10 -7.75
N GLU B 544 3.15 20.57 -8.25
CA GLU B 544 3.08 21.63 -9.30
C GLU B 544 2.95 23.01 -8.62
N ARG B 545 3.09 23.10 -7.30
CA ARG B 545 2.94 24.36 -6.53
C ARG B 545 4.18 24.60 -5.68
N ARG B 546 4.45 25.86 -5.31
CA ARG B 546 5.57 26.21 -4.39
C ARG B 546 5.23 25.68 -3.00
N ASP B 547 6.23 25.52 -2.16
CA ASP B 547 6.04 25.00 -0.78
C ASP B 547 7.09 25.65 0.11
N THR B 548 6.71 26.08 1.30
CA THR B 548 7.64 26.59 2.33
C THR B 548 7.64 25.59 3.48
N VAL B 549 8.82 25.11 3.85
CA VAL B 549 8.97 24.05 4.90
C VAL B 549 9.89 24.57 6.01
N ASP B 550 9.72 24.01 7.20
CA ASP B 550 10.58 24.26 8.38
C ASP B 550 11.69 23.19 8.41
N LEU B 551 12.91 23.58 8.10
CA LEU B 551 14.07 22.64 8.07
C LEU B 551 14.38 22.16 9.49
N GLY B 552 13.86 22.82 10.52
CA GLY B 552 13.98 22.35 11.92
C GLY B 552 13.38 20.97 12.10
N ARG B 553 12.48 20.55 11.21
CA ARG B 553 11.78 19.25 11.30
C ARG B 553 12.65 18.14 10.70
N VAL B 554 13.72 18.50 9.99
CA VAL B 554 14.59 17.52 9.30
C VAL B 554 15.59 16.99 10.31
N PRO B 555 15.62 15.67 10.58
CA PRO B 555 16.56 15.13 11.55
C PRO B 555 18.00 15.26 11.01
N HIS B 556 18.96 15.49 11.92
CA HIS B 556 20.42 15.48 11.64
C HIS B 556 20.85 16.63 10.73
N LEU B 557 19.98 17.62 10.51
CA LEU B 557 20.33 18.80 9.67
C LEU B 557 20.63 19.98 10.60
N THR B 558 21.90 20.29 10.81
CA THR B 558 22.33 21.54 11.50
C THR B 558 22.62 22.58 10.44
N LEU B 559 22.14 23.79 10.67
CA LEU B 559 22.39 24.95 9.78
C LEU B 559 23.49 25.78 10.44
N PRO B 560 24.33 26.50 9.67
CA PRO B 560 24.25 26.48 8.21
C PRO B 560 24.69 25.17 7.54
N ALA B 561 24.14 24.91 6.35
CA ALA B 561 24.49 23.77 5.47
C ALA B 561 24.74 24.32 4.06
N THR B 562 25.43 23.54 3.23
CA THR B 562 25.85 23.96 1.86
C THR B 562 25.10 23.12 0.82
N VAL B 563 24.62 23.78 -0.23
CA VAL B 563 24.00 23.11 -1.40
C VAL B 563 25.11 22.34 -2.13
N TYR B 564 24.99 21.01 -2.21
CA TYR B 564 25.94 20.13 -2.94
C TYR B 564 25.48 20.05 -4.40
N VAL B 565 24.19 19.80 -4.60
CA VAL B 565 23.53 19.73 -5.94
C VAL B 565 22.20 20.48 -5.85
N SER B 566 21.86 21.19 -6.92
CA SER B 566 20.52 21.78 -7.11
C SER B 566 20.00 21.43 -8.50
N SER B 567 18.67 21.26 -8.61
CA SER B 567 17.94 21.15 -9.89
C SER B 567 18.30 22.37 -10.77
N ILE B 568 18.29 22.19 -12.09
CA ILE B 568 18.94 23.14 -13.05
C ILE B 568 18.29 24.53 -13.04
N HIS B 569 17.08 24.70 -12.52
CA HIS B 569 16.42 26.04 -12.46
C HIS B 569 16.21 26.50 -11.02
N SER B 570 16.82 25.82 -10.04
CA SER B 570 16.78 26.25 -8.62
C SER B 570 17.38 27.65 -8.48
N ALA B 571 16.80 28.48 -7.63
CA ALA B 571 17.39 29.78 -7.23
C ALA B 571 18.79 29.58 -6.65
N ARG B 572 19.08 28.39 -6.11
CA ARG B 572 20.34 28.08 -5.38
C ARG B 572 21.32 27.35 -6.29
N LEU B 573 22.56 27.83 -6.37
CA LEU B 573 23.68 27.14 -7.05
C LEU B 573 24.41 26.25 -6.04
N ALA B 574 25.06 25.18 -6.52
CA ALA B 574 26.06 24.42 -5.76
C ALA B 574 27.00 25.44 -5.11
N GLY B 575 27.23 25.34 -3.80
CA GLY B 575 28.07 26.26 -3.02
C GLY B 575 27.25 27.24 -2.17
N HIS B 576 25.98 27.48 -2.51
CA HIS B 576 25.03 28.35 -1.78
C HIS B 576 24.90 27.84 -0.34
N GLU B 577 24.91 28.75 0.62
CA GLU B 577 24.80 28.44 2.08
C GLU B 577 23.33 28.59 2.47
N ILE B 578 22.75 27.55 3.09
CA ILE B 578 21.39 27.60 3.69
C ILE B 578 21.57 27.99 5.16
N THR B 579 21.07 29.16 5.57
CA THR B 579 21.24 29.73 6.93
C THR B 579 19.88 29.79 7.64
N SER B 580 18.80 30.05 6.92
CA SER B 580 17.44 30.21 7.49
C SER B 580 16.78 28.84 7.63
N SER B 581 16.01 28.62 8.70
CA SER B 581 15.23 27.38 8.93
C SER B 581 13.99 27.32 8.03
N GLN B 582 13.58 28.43 7.42
CA GLN B 582 12.42 28.48 6.48
C GLN B 582 12.96 28.35 5.05
N LEU B 583 12.44 27.40 4.27
CA LEU B 583 12.92 27.14 2.89
C LEU B 583 11.72 27.08 1.95
N SER B 584 11.68 27.97 0.96
CA SER B 584 10.69 27.99 -0.14
C SER B 584 11.27 27.25 -1.34
N LEU B 585 10.56 26.21 -1.78
CA LEU B 585 10.93 25.40 -2.96
C LEU B 585 9.90 25.64 -4.05
N GLU B 586 10.36 25.89 -5.27
CA GLU B 586 9.50 25.89 -6.47
C GLU B 586 9.00 24.47 -6.74
N ALA B 587 7.94 24.37 -7.54
CA ALA B 587 7.43 23.11 -8.13
C ALA B 587 8.59 22.36 -8.80
N GLY B 588 8.83 21.11 -8.41
CA GLY B 588 9.87 20.27 -9.02
C GLY B 588 11.26 20.52 -8.43
N GLU B 589 11.44 21.55 -7.61
CA GLU B 589 12.79 21.96 -7.14
C GLU B 589 13.35 20.89 -6.20
N ALA B 590 14.61 20.55 -6.37
CA ALA B 590 15.31 19.53 -5.55
C ALA B 590 16.69 20.06 -5.18
N LEU B 591 17.06 19.87 -3.91
CA LEU B 591 18.38 20.26 -3.36
C LEU B 591 18.97 19.05 -2.65
N VAL B 592 20.28 18.83 -2.81
CA VAL B 592 21.07 18.01 -1.84
C VAL B 592 21.87 18.99 -0.99
N LEU B 593 21.65 18.97 0.33
CA LEU B 593 22.43 19.75 1.30
C LEU B 593 23.51 18.87 1.92
N LYS B 594 24.72 19.42 2.02
CA LYS B 594 25.85 18.85 2.80
C LYS B 594 25.91 19.56 4.15
N ALA B 595 25.79 18.79 5.25
CA ALA B 595 25.71 19.31 6.63
C ALA B 595 26.73 18.57 7.52
N GLN B 596 27.02 19.15 8.67
CA GLN B 596 28.12 18.66 9.54
C GLN B 596 27.79 17.22 9.97
N PRO B 597 28.81 16.43 10.33
CA PRO B 597 28.60 15.07 10.83
C PRO B 597 27.71 15.03 12.09
N ILE B 598 26.97 13.93 12.25
CA ILE B 598 26.34 13.54 13.54
C ILE B 598 27.36 12.76 14.37
#